data_6GES
#
_entry.id   6GES
#
_cell.length_a   61.974
_cell.length_b   94.041
_cell.length_c   64.916
_cell.angle_alpha   90.00
_cell.angle_beta   91.80
_cell.angle_gamma   90.00
#
_symmetry.space_group_name_H-M   'P 1 21 1'
#
loop_
_entity.id
_entity.type
_entity.pdbx_description
1 polymer 'Mitogen-activated protein kinase 3'
2 non-polymer N-{2-[(5-chloro-2-{[4-(4-methylpiperazin-1-yl)phenyl]amino}pyrimidin-4-yl)amino]phenyl}propanamide
3 non-polymer ~{N}-[2-[[5-chloranyl-2-[[4-(4-methylpiperazin-1-yl)phenyl]amino]pyrimidin-4-yl]amino]phenyl]prop-2-enamide
4 non-polymer 'SULFATE ION'
5 non-polymer 1,2-ETHANEDIOL
6 water water
#
_entity_poly.entity_id   1
_entity_poly.type   'polypeptide(L)'
_entity_poly.pdbx_seq_one_letter_code
;SMAAAAAQGGGGGEPRRTEGVGPGVPGEVEMVKGQPFDVGPRYTQLQYIGEGAYGMVSSAYDHVRKTRVAIKKISPFEHQ
TYCQRTLREIQILLRFRHENVIGIRDILRASTLEAMRDVYIVQDLMETDLYKLLKSQQLSNDHICYFLYQILRGLKYIHS
ANVLHRDLKPSNLLINTTCDLKICDFGLARIADPEHDHTGFLTEYVATRWYRAPEIMLNSKGYTKSIDIWSVGCILAEML
SNRPIFPGKHYLDQLNHILGILGSPSQEDLNCIINMKARNYLQSLPSKTKVAWAKLFPKSDSKALDLLDRMLTFNPNKRI
TVEEALAHPYLEQYYDPTDEPVAEEPFTFAMELDDLPKERLKELIFQETARFQPGVLEAP
;
_entity_poly.pdbx_strand_id   A,B
#
loop_
_chem_comp.id
_chem_comp.type
_chem_comp.name
_chem_comp.formula
6H3 non-polymer N-{2-[(5-chloro-2-{[4-(4-methylpiperazin-1-yl)phenyl]amino}pyrimidin-4-yl)amino]phenyl}propanamide 'C24 H28 Cl N7 O'
EDO non-polymer 1,2-ETHANEDIOL 'C2 H6 O2'
EWH non-polymer ~{N}-[2-[[5-chloranyl-2-[[4-(4-methylpiperazin-1-yl)phenyl]amino]pyrimidin-4-yl]amino]phenyl]prop-2-enamide 'C24 H26 Cl N7 O'
SO4 non-polymer 'SULFATE ION' 'O4 S -2'
#
# COMPACT_ATOMS: atom_id res chain seq x y z
N PRO A 26 15.02 -52.83 14.33
CA PRO A 26 14.49 -52.02 15.42
C PRO A 26 15.40 -50.81 15.71
N GLY A 27 14.82 -49.67 16.06
CA GLY A 27 15.62 -48.43 16.33
C GLY A 27 16.19 -47.82 15.05
N GLU A 28 15.77 -48.37 13.91
CA GLU A 28 16.30 -47.97 12.62
C GLU A 28 15.78 -46.57 12.25
N VAL A 29 16.23 -46.11 11.10
CA VAL A 29 15.74 -44.90 10.55
C VAL A 29 14.88 -45.28 9.35
N GLU A 30 13.59 -45.01 9.43
CA GLU A 30 12.73 -45.42 8.35
C GLU A 30 12.88 -44.43 7.21
N MET A 31 12.95 -44.98 6.01
CA MET A 31 13.06 -44.20 4.83
C MET A 31 11.67 -43.96 4.26
N VAL A 32 11.46 -42.76 3.76
CA VAL A 32 10.30 -42.47 2.99
C VAL A 32 10.78 -41.87 1.67
N LYS A 33 10.61 -42.62 0.58
CA LYS A 33 10.97 -42.18 -0.74
C LYS A 33 12.45 -41.77 -0.73
N GLY A 34 13.27 -42.61 -0.15
CA GLY A 34 14.69 -42.41 -0.16
C GLY A 34 15.13 -41.30 0.79
N GLN A 35 14.24 -40.85 1.67
CA GLN A 35 14.58 -39.77 2.62
C GLN A 35 14.43 -40.29 4.03
N PRO A 36 15.46 -40.13 4.84
CA PRO A 36 15.35 -40.61 6.19
C PRO A 36 14.33 -39.76 6.95
N PHE A 37 13.48 -40.45 7.68
CA PHE A 37 12.54 -39.80 8.58
C PHE A 37 12.87 -40.23 10.02
N ASP A 38 13.73 -39.48 10.66
CA ASP A 38 14.32 -39.88 11.90
C ASP A 38 13.43 -39.39 13.04
N VAL A 39 12.37 -40.14 13.34
CA VAL A 39 11.36 -39.69 14.30
C VAL A 39 11.14 -40.77 15.37
N GLY A 40 11.87 -41.87 15.26
CA GLY A 40 11.94 -42.84 16.30
C GLY A 40 12.55 -42.26 17.56
N PRO A 41 12.19 -42.81 18.71
CA PRO A 41 11.42 -44.06 18.79
C PRO A 41 9.91 -43.83 18.99
N ARG A 42 9.49 -42.59 19.22
CA ARG A 42 8.05 -42.38 19.51
C ARG A 42 7.16 -42.66 18.28
N TYR A 43 7.68 -42.41 17.09
CA TYR A 43 6.88 -42.48 15.87
C TYR A 43 7.53 -43.50 14.93
N THR A 44 6.76 -44.46 14.46
CA THR A 44 7.27 -45.52 13.55
C THR A 44 6.19 -45.88 12.50
N GLN A 45 6.51 -46.85 11.65
CA GLN A 45 5.59 -47.39 10.59
C GLN A 45 5.14 -46.21 9.69
N LEU A 46 6.16 -45.58 9.09
CA LEU A 46 5.94 -44.37 8.27
C LEU A 46 5.53 -44.75 6.85
N GLN A 47 4.54 -44.06 6.32
CA GLN A 47 4.16 -44.19 4.94
C GLN A 47 3.98 -42.80 4.32
N TYR A 48 4.42 -42.72 3.09
CA TYR A 48 4.41 -41.51 2.33
C TYR A 48 2.97 -41.00 2.13
N ILE A 49 2.75 -39.72 2.27
CA ILE A 49 1.47 -39.18 1.89
C ILE A 49 1.64 -38.24 0.69
N GLY A 50 2.66 -37.38 0.68
CA GLY A 50 2.80 -36.38 -0.41
C GLY A 50 3.94 -35.42 -0.16
N GLU A 51 4.14 -34.47 -1.06
CA GLU A 51 5.30 -33.55 -1.01
C GLU A 51 4.90 -32.13 -1.39
N GLY A 52 5.64 -31.18 -0.84
CA GLY A 52 5.79 -29.81 -1.36
C GLY A 52 7.28 -29.48 -1.59
N ALA A 53 7.58 -28.18 -1.82
CA ALA A 53 8.85 -27.73 -2.48
C ALA A 53 10.10 -28.13 -1.68
N TYR A 54 10.04 -28.10 -0.35
CA TYR A 54 11.17 -28.51 0.51
C TYR A 54 10.62 -29.31 1.70
N GLY A 55 9.46 -29.98 1.49
CA GLY A 55 8.70 -30.65 2.53
C GLY A 55 8.13 -31.99 2.05
N MET A 56 8.16 -32.98 2.89
CA MET A 56 7.59 -34.26 2.58
C MET A 56 6.69 -34.67 3.75
N VAL A 57 5.50 -35.16 3.47
CA VAL A 57 4.60 -35.53 4.54
C VAL A 57 4.44 -37.05 4.54
N SER A 58 4.47 -37.59 5.76
CA SER A 58 4.27 -39.01 6.00
C SER A 58 3.19 -39.23 7.06
N SER A 59 2.52 -40.39 7.04
CA SER A 59 1.76 -40.83 8.22
C SER A 59 2.69 -41.67 9.09
N ALA A 60 2.42 -41.70 10.39
CA ALA A 60 3.20 -42.48 11.31
C ALA A 60 2.34 -42.94 12.49
N TYR A 61 2.77 -43.99 13.16
CA TYR A 61 2.10 -44.41 14.40
C TYR A 61 2.81 -43.79 15.60
N ASP A 62 2.02 -43.09 16.40
CA ASP A 62 2.49 -42.42 17.61
C ASP A 62 2.36 -43.43 18.77
N HIS A 63 3.50 -43.98 19.24
CA HIS A 63 3.50 -45.03 20.32
C HIS A 63 3.05 -44.45 21.67
N VAL A 64 3.04 -43.15 21.85
CA VAL A 64 2.63 -42.58 23.10
C VAL A 64 1.12 -42.38 23.10
N ARG A 65 0.56 -41.84 22.04
CA ARG A 65 -0.92 -41.57 22.01
C ARG A 65 -1.67 -42.75 21.36
N LYS A 66 -0.92 -43.71 20.81
CA LYS A 66 -1.52 -44.95 20.22
C LYS A 66 -2.47 -44.61 19.08
N THR A 67 -2.01 -43.79 18.17
CA THR A 67 -2.83 -43.35 17.05
C THR A 67 -1.90 -42.98 15.89
N ARG A 68 -2.43 -42.98 14.66
CA ARG A 68 -1.64 -42.56 13.52
C ARG A 68 -1.74 -41.04 13.40
N VAL A 69 -0.66 -40.44 12.97
CA VAL A 69 -0.55 -38.99 12.84
C VAL A 69 0.08 -38.66 11.47
N ALA A 70 -0.03 -37.38 11.08
CA ALA A 70 0.77 -36.85 9.98
C ALA A 70 2.09 -36.26 10.53
N ILE A 71 3.19 -36.54 9.84
CA ILE A 71 4.52 -35.88 10.14
C ILE A 71 5.07 -35.26 8.85
N LYS A 72 5.25 -33.94 8.89
CA LYS A 72 5.88 -33.16 7.84
C LYS A 72 7.37 -32.97 8.17
N LYS A 73 8.24 -33.46 7.28
CA LYS A 73 9.69 -33.13 7.33
C LYS A 73 9.96 -31.89 6.52
N ILE A 74 10.54 -30.89 7.17
CA ILE A 74 10.97 -29.70 6.53
C ILE A 74 12.49 -29.63 6.69
N SER A 75 13.14 -29.36 5.57
CA SER A 75 14.54 -29.13 5.46
C SER A 75 14.77 -27.74 4.82
N PRO A 76 14.58 -26.66 5.57
CA PRO A 76 14.59 -25.27 4.98
C PRO A 76 15.90 -24.48 5.08
N PHE A 77 16.92 -24.99 5.79
CA PHE A 77 17.95 -24.10 6.37
C PHE A 77 19.01 -23.70 5.34
N GLU A 78 18.96 -24.23 4.12
CA GLU A 78 19.87 -23.71 3.08
C GLU A 78 19.27 -22.47 2.39
N HIS A 79 18.01 -22.14 2.58
CA HIS A 79 17.43 -20.99 1.85
C HIS A 79 16.67 -20.08 2.82
N GLN A 80 16.98 -18.80 2.70
CA GLN A 80 16.42 -17.78 3.56
C GLN A 80 14.89 -17.77 3.39
N THR A 81 14.39 -17.91 2.16
CA THR A 81 12.95 -17.83 1.95
C THR A 81 12.27 -19.05 2.59
N TYR A 82 12.87 -20.22 2.51
CA TYR A 82 12.25 -21.41 3.14
C TYR A 82 12.25 -21.24 4.65
N CYS A 83 13.29 -20.61 5.18
CA CYS A 83 13.39 -20.44 6.61
C CYS A 83 12.28 -19.49 7.09
N GLN A 84 12.04 -18.43 6.30
CA GLN A 84 11.00 -17.44 6.55
C GLN A 84 9.64 -18.16 6.69
N ARG A 85 9.40 -19.09 5.77
CA ARG A 85 8.08 -19.72 5.65
C ARG A 85 7.89 -20.71 6.80
N THR A 86 8.97 -21.41 7.17
CA THR A 86 8.88 -22.43 8.21
C THR A 86 8.60 -21.73 9.54
N LEU A 87 9.31 -20.64 9.80
CA LEU A 87 9.15 -19.91 11.06
C LEU A 87 7.74 -19.32 11.12
N ARG A 88 7.31 -18.76 10.00
CA ARG A 88 6.02 -18.12 9.95
C ARG A 88 4.92 -19.16 10.25
N GLU A 89 4.99 -20.30 9.63
CA GLU A 89 3.93 -21.30 9.85
C GLU A 89 3.97 -21.81 11.32
N ILE A 90 5.18 -22.06 11.83
CA ILE A 90 5.33 -22.53 13.18
C ILE A 90 4.79 -21.46 14.16
N GLN A 91 5.17 -20.20 13.99
CA GLN A 91 4.79 -19.19 14.99
C GLN A 91 3.27 -19.04 15.01
N ILE A 92 2.67 -19.04 13.83
CA ILE A 92 1.20 -18.92 13.73
C ILE A 92 0.51 -20.15 14.33
N LEU A 93 0.84 -21.35 13.87
CA LEU A 93 0.03 -22.49 14.26
C LEU A 93 0.22 -22.84 15.74
N LEU A 94 1.36 -22.48 16.35
CA LEU A 94 1.51 -22.81 17.76
C LEU A 94 0.59 -21.93 18.59
N ARG A 95 0.10 -20.85 18.02
CA ARG A 95 -0.61 -19.84 18.76
C ARG A 95 -2.11 -19.88 18.41
N PHE A 96 -2.48 -20.64 17.39
CA PHE A 96 -3.86 -20.76 16.94
C PHE A 96 -4.42 -22.06 17.51
N ARG A 97 -5.67 -22.03 17.90
CA ARG A 97 -6.38 -23.20 18.22
C ARG A 97 -7.85 -23.02 17.82
N HIS A 98 -8.25 -23.81 16.81
CA HIS A 98 -9.59 -23.71 16.22
C HIS A 98 -9.88 -25.02 15.47
N GLU A 99 -11.15 -25.45 15.52
CA GLU A 99 -11.60 -26.68 14.89
C GLU A 99 -11.32 -26.75 13.38
N ASN A 100 -11.28 -25.61 12.70
CA ASN A 100 -11.21 -25.62 11.27
C ASN A 100 -9.84 -25.16 10.81
N VAL A 101 -8.87 -25.16 11.74
CA VAL A 101 -7.48 -24.88 11.42
C VAL A 101 -6.61 -26.02 11.95
N ILE A 102 -5.70 -26.49 11.12
CA ILE A 102 -4.85 -27.61 11.54
C ILE A 102 -3.93 -27.16 12.70
N GLY A 103 -3.77 -28.04 13.65
CA GLY A 103 -2.99 -27.81 14.87
C GLY A 103 -1.58 -28.32 14.71
N ILE A 104 -0.68 -27.91 15.62
CA ILE A 104 0.59 -28.61 15.78
C ILE A 104 0.55 -29.43 17.08
N ARG A 105 0.79 -30.75 16.98
CA ARG A 105 0.74 -31.67 18.14
C ARG A 105 2.11 -31.82 18.83
N ASP A 106 3.21 -31.66 18.07
CA ASP A 106 4.56 -31.96 18.50
C ASP A 106 5.52 -31.44 17.41
N ILE A 107 6.73 -31.09 17.80
CA ILE A 107 7.80 -30.75 16.85
C ILE A 107 9.08 -31.46 17.30
N LEU A 108 9.71 -32.18 16.37
CA LEU A 108 10.98 -32.87 16.68
C LEU A 108 12.10 -32.17 15.93
N ARG A 109 13.24 -32.02 16.58
CA ARG A 109 14.47 -31.53 15.94
C ARG A 109 15.66 -31.84 16.86
N ALA A 110 16.86 -31.77 16.34
CA ALA A 110 18.03 -32.22 17.11
C ALA A 110 18.21 -31.37 18.38
N SER A 111 18.96 -31.93 19.37
CA SER A 111 19.17 -31.25 20.65
C SER A 111 20.05 -30.00 20.53
N THR A 112 20.89 -29.89 19.52
CA THR A 112 21.74 -28.68 19.40
C THR A 112 21.51 -28.04 18.04
N LEU A 113 21.89 -26.77 17.92
CA LEU A 113 21.59 -25.97 16.72
C LEU A 113 22.40 -26.46 15.52
N GLU A 114 23.67 -26.76 15.74
CA GLU A 114 24.54 -27.21 14.67
C GLU A 114 24.06 -28.59 14.16
N ALA A 115 23.49 -29.42 15.02
CA ALA A 115 23.01 -30.75 14.58
C ALA A 115 21.66 -30.63 13.86
N MET A 116 20.97 -29.49 14.02
CA MET A 116 19.62 -29.36 13.50
C MET A 116 19.66 -29.07 11.99
N ARG A 117 19.33 -30.10 11.20
CA ARG A 117 19.30 -30.00 9.73
C ARG A 117 17.86 -30.04 9.19
N ASP A 118 16.90 -30.42 10.01
CA ASP A 118 15.56 -30.50 9.55
C ASP A 118 14.64 -30.42 10.79
N VAL A 119 13.36 -30.29 10.55
CA VAL A 119 12.37 -30.13 11.58
C VAL A 119 11.18 -31.03 11.19
N TYR A 120 10.59 -31.71 12.16
CA TYR A 120 9.47 -32.56 11.92
C TYR A 120 8.26 -32.01 12.67
N ILE A 121 7.19 -31.72 11.93
CA ILE A 121 5.97 -31.15 12.51
C ILE A 121 4.90 -32.23 12.55
N VAL A 122 4.42 -32.51 13.75
CA VAL A 122 3.44 -33.55 13.92
C VAL A 122 2.04 -32.92 13.99
N GLN A 123 1.13 -33.47 13.18
CA GLN A 123 -0.25 -32.93 13.05
C GLN A 123 -1.28 -34.08 12.98
N ASP A 124 -2.55 -33.74 13.26
CA ASP A 124 -3.64 -34.70 13.13
C ASP A 124 -3.67 -35.23 11.69
N LEU A 125 -3.79 -36.54 11.55
CA LEU A 125 -3.85 -37.16 10.26
C LEU A 125 -5.26 -36.99 9.74
N MET A 126 -5.41 -36.40 8.58
CA MET A 126 -6.72 -36.26 7.97
C MET A 126 -6.78 -37.25 6.81
N GLU A 127 -7.99 -37.57 6.41
CA GLU A 127 -8.29 -38.59 5.44
C GLU A 127 -7.87 -38.16 4.04
N THR A 128 -8.25 -36.94 3.66
CA THR A 128 -8.04 -36.49 2.31
C THR A 128 -7.93 -34.96 2.28
N ASP A 129 -7.84 -34.42 1.06
CA ASP A 129 -7.90 -32.95 0.84
C ASP A 129 -9.02 -32.69 -0.16
N LEU A 130 -9.45 -31.44 -0.27
CA LEU A 130 -10.58 -31.10 -1.16
C LEU A 130 -10.18 -31.31 -2.63
N TYR A 131 -8.91 -31.13 -2.96
CA TYR A 131 -8.44 -31.36 -4.31
C TYR A 131 -8.79 -32.80 -4.74
N LYS A 132 -8.44 -33.76 -3.88
CA LYS A 132 -8.60 -35.17 -4.14
C LYS A 132 -10.08 -35.50 -4.27
N LEU A 133 -10.82 -34.95 -3.35
CA LEU A 133 -12.22 -35.18 -3.34
C LEU A 133 -12.86 -34.61 -4.62
N LEU A 134 -12.45 -33.42 -5.08
CA LEU A 134 -13.10 -32.86 -6.27
C LEU A 134 -12.63 -33.58 -7.54
N LYS A 135 -11.53 -34.31 -7.50
CA LYS A 135 -11.11 -35.07 -8.65
C LYS A 135 -11.95 -36.36 -8.73
N SER A 136 -12.46 -36.81 -7.60
CA SER A 136 -13.05 -38.12 -7.60
C SER A 136 -14.57 -38.02 -7.55
N GLN A 137 -15.18 -36.91 -7.14
CA GLN A 137 -16.65 -36.94 -7.08
C GLN A 137 -17.26 -35.55 -7.19
N GLN A 138 -18.43 -35.54 -7.80
CA GLN A 138 -19.33 -34.40 -7.77
C GLN A 138 -19.92 -34.26 -6.35
N LEU A 139 -19.93 -33.07 -5.80
CA LEU A 139 -20.44 -32.86 -4.45
C LEU A 139 -21.93 -32.52 -4.50
N SER A 140 -22.71 -32.98 -3.55
CA SER A 140 -24.03 -32.44 -3.35
C SER A 140 -23.94 -30.98 -2.88
N ASN A 141 -25.02 -30.28 -3.12
CA ASN A 141 -25.20 -28.94 -2.60
C ASN A 141 -25.01 -28.92 -1.07
N ASP A 142 -25.49 -29.93 -0.37
CA ASP A 142 -25.31 -30.04 1.07
C ASP A 142 -23.82 -30.00 1.40
N HIS A 143 -23.02 -30.82 0.74
CA HIS A 143 -21.60 -30.90 1.07
C HIS A 143 -20.88 -29.59 0.72
N ILE A 144 -21.21 -29.02 -0.43
CA ILE A 144 -20.60 -27.74 -0.90
C ILE A 144 -20.83 -26.65 0.17
N CYS A 145 -22.10 -26.52 0.58
CA CYS A 145 -22.51 -25.54 1.53
C CYS A 145 -21.72 -25.69 2.84
N TYR A 146 -21.68 -26.91 3.35
CA TYR A 146 -21.13 -27.19 4.64
C TYR A 146 -19.58 -27.08 4.61
N PHE A 147 -18.93 -27.48 3.52
CA PHE A 147 -17.47 -27.22 3.34
C PHE A 147 -17.20 -25.71 3.30
N LEU A 148 -18.02 -24.97 2.58
CA LEU A 148 -17.83 -23.56 2.49
C LEU A 148 -17.96 -22.93 3.88
N TYR A 149 -18.96 -23.36 4.62
CA TYR A 149 -19.18 -22.80 5.94
C TYR A 149 -17.94 -23.03 6.79
N GLN A 150 -17.37 -24.25 6.77
CA GLN A 150 -16.24 -24.56 7.61
C GLN A 150 -15.01 -23.73 7.20
N ILE A 151 -14.80 -23.54 5.90
CA ILE A 151 -13.73 -22.73 5.41
C ILE A 151 -13.89 -21.32 5.96
N LEU A 152 -15.08 -20.76 5.83
CA LEU A 152 -15.30 -19.39 6.31
C LEU A 152 -15.21 -19.29 7.84
N ARG A 153 -15.67 -20.33 8.56
CA ARG A 153 -15.59 -20.34 10.04
C ARG A 153 -14.12 -20.25 10.47
N GLY A 154 -13.31 -21.13 9.90
CA GLY A 154 -11.86 -21.08 10.04
C GLY A 154 -11.28 -19.70 9.72
N LEU A 155 -11.67 -19.18 8.58
CA LEU A 155 -11.07 -17.95 8.10
C LEU A 155 -11.50 -16.80 9.01
N LYS A 156 -12.67 -16.85 9.59
CA LYS A 156 -13.06 -15.80 10.54
C LYS A 156 -12.06 -15.74 11.70
N TYR A 157 -11.68 -16.90 12.20
CA TYR A 157 -10.71 -16.98 13.32
C TYR A 157 -9.34 -16.46 12.87
N ILE A 158 -8.88 -16.89 11.70
CA ILE A 158 -7.62 -16.44 11.13
C ILE A 158 -7.63 -14.90 10.96
N HIS A 159 -8.65 -14.38 10.34
CA HIS A 159 -8.69 -12.93 10.11
C HIS A 159 -8.86 -12.18 11.42
N SER A 160 -9.48 -12.79 12.43
CA SER A 160 -9.67 -12.07 13.68
C SER A 160 -8.31 -11.81 14.34
N ALA A 161 -7.26 -12.56 14.00
CA ALA A 161 -5.90 -12.24 14.50
C ALA A 161 -5.14 -11.35 13.50
N ASN A 162 -5.83 -10.82 12.48
CA ASN A 162 -5.25 -10.00 11.41
C ASN A 162 -4.27 -10.79 10.55
N VAL A 163 -4.41 -12.12 10.56
CA VAL A 163 -3.57 -12.96 9.74
C VAL A 163 -4.28 -13.19 8.40
N LEU A 164 -3.49 -13.11 7.32
CA LEU A 164 -3.89 -13.46 5.98
C LEU A 164 -3.24 -14.78 5.62
N HIS A 165 -4.03 -15.72 5.10
CA HIS A 165 -3.46 -17.05 4.75
C HIS A 165 -2.63 -16.93 3.47
N ARG A 166 -3.30 -16.40 2.46
CA ARG A 166 -2.71 -15.95 1.18
C ARG A 166 -2.42 -17.11 0.24
N ASP A 167 -2.78 -18.32 0.61
CA ASP A 167 -2.61 -19.43 -0.35
C ASP A 167 -3.76 -20.44 -0.17
N LEU A 168 -4.98 -19.94 0.00
CA LEU A 168 -6.15 -20.83 0.09
C LEU A 168 -6.45 -21.44 -1.29
N LYS A 169 -6.53 -22.79 -1.30
CA LYS A 169 -6.87 -23.57 -2.47
C LYS A 169 -7.25 -24.99 -2.05
N PRO A 170 -7.78 -25.79 -2.96
CA PRO A 170 -8.36 -27.08 -2.46
C PRO A 170 -7.35 -28.01 -1.79
N SER A 171 -6.12 -27.99 -2.26
CA SER A 171 -5.11 -28.91 -1.72
C SER A 171 -4.66 -28.45 -0.33
N ASN A 172 -5.00 -27.23 0.07
CA ASN A 172 -4.68 -26.71 1.43
C ASN A 172 -5.93 -26.81 2.33
N LEU A 173 -6.87 -27.67 1.98
CA LEU A 173 -8.03 -27.91 2.83
C LEU A 173 -8.14 -29.42 3.08
N LEU A 174 -7.90 -29.80 4.31
CA LEU A 174 -7.89 -31.21 4.72
C LEU A 174 -9.28 -31.58 5.22
N ILE A 175 -9.69 -32.81 4.92
CA ILE A 175 -11.02 -33.29 5.25
C ILE A 175 -10.90 -34.69 5.85
N ASN A 176 -11.68 -34.97 6.87
CA ASN A 176 -11.59 -36.31 7.50
C ASN A 176 -12.89 -37.03 7.20
N THR A 177 -13.04 -38.23 7.75
CA THR A 177 -14.13 -39.13 7.32
C THR A 177 -15.50 -38.63 7.81
N THR A 178 -15.54 -37.74 8.80
CA THR A 178 -16.80 -37.18 9.26
C THR A 178 -17.05 -35.79 8.62
N CYS A 179 -16.42 -35.48 7.49
CA CYS A 179 -16.64 -34.22 6.71
C CYS A 179 -16.12 -32.98 7.47
N ASP A 180 -15.36 -33.17 8.57
CA ASP A 180 -14.67 -32.05 9.24
C ASP A 180 -13.58 -31.51 8.31
N LEU A 181 -13.51 -30.20 8.22
CA LEU A 181 -12.53 -29.56 7.36
C LEU A 181 -11.56 -28.69 8.18
N LYS A 182 -10.29 -28.72 7.82
CA LYS A 182 -9.26 -27.91 8.48
C LYS A 182 -8.37 -27.24 7.43
N ILE A 183 -8.17 -25.94 7.59
CA ILE A 183 -7.23 -25.19 6.70
C ILE A 183 -5.79 -25.49 7.10
N CYS A 184 -4.92 -25.64 6.12
CA CYS A 184 -3.54 -25.89 6.44
C CYS A 184 -2.60 -25.12 5.52
N ASP A 185 -1.30 -25.25 5.81
CA ASP A 185 -0.18 -24.61 5.06
C ASP A 185 -0.21 -23.10 5.19
N PHE A 186 0.44 -22.60 6.24
CA PHE A 186 0.42 -21.16 6.55
C PHE A 186 1.75 -20.51 6.22
N GLY A 187 2.51 -21.14 5.36
CA GLY A 187 3.89 -20.71 5.09
C GLY A 187 3.97 -19.34 4.40
N LEU A 188 2.88 -18.90 3.73
CA LEU A 188 2.88 -17.62 3.04
C LEU A 188 2.01 -16.63 3.78
N ALA A 189 1.56 -17.01 4.96
CA ALA A 189 0.77 -16.06 5.77
C ALA A 189 1.57 -14.79 6.12
N ARG A 190 0.84 -13.70 6.30
CA ARG A 190 1.34 -12.43 6.72
C ARG A 190 0.24 -11.70 7.49
N ILE A 191 0.60 -10.56 8.07
CA ILE A 191 -0.34 -9.68 8.79
C ILE A 191 -0.91 -8.70 7.81
N ALA A 192 -2.22 -8.44 7.94
CA ALA A 192 -2.90 -7.44 7.15
C ALA A 192 -2.14 -6.15 7.33
N ASP A 193 -1.82 -5.49 6.23
CA ASP A 193 -1.02 -4.24 6.25
C ASP A 193 -1.53 -3.33 5.14
N PRO A 194 -2.68 -2.75 5.36
CA PRO A 194 -3.32 -1.94 4.32
C PRO A 194 -2.49 -0.71 3.92
N GLU A 195 -1.69 -0.20 4.80
CA GLU A 195 -0.94 1.00 4.39
C GLU A 195 0.13 0.67 3.32
N HIS A 196 0.63 -0.56 3.21
CA HIS A 196 1.69 -0.89 2.24
C HIS A 196 1.24 -1.93 1.20
N ASP A 197 -0.02 -1.94 0.81
CA ASP A 197 -0.52 -2.96 -0.11
C ASP A 197 -0.13 -2.62 -1.56
N HIS A 198 0.15 -1.34 -1.87
CA HIS A 198 0.37 -0.94 -3.28
C HIS A 198 1.71 -1.47 -3.83
N THR A 199 1.66 -1.89 -5.08
CA THR A 199 2.83 -2.27 -5.88
C THR A 199 2.54 -1.99 -7.36
N GLY A 200 3.51 -2.25 -8.24
CA GLY A 200 3.37 -1.98 -9.68
C GLY A 200 2.59 -3.06 -10.42
N PHE A 201 2.33 -2.81 -11.67
CA PHE A 201 1.69 -3.72 -12.60
C PHE A 201 2.57 -4.95 -12.84
N LEU A 202 1.95 -6.13 -12.84
CA LEU A 202 2.62 -7.41 -13.13
C LEU A 202 3.81 -7.65 -12.19
N THR A 203 3.63 -7.36 -10.90
CA THR A 203 4.65 -7.67 -9.89
C THR A 203 4.59 -9.16 -9.56
N GLU A 204 5.75 -9.77 -9.42
CA GLU A 204 5.88 -11.20 -9.14
C GLU A 204 5.16 -11.55 -7.84
N TYR A 205 4.59 -12.73 -7.81
CA TYR A 205 3.81 -13.16 -6.66
C TYR A 205 4.07 -14.64 -6.41
N VAL A 206 3.96 -15.04 -5.17
CA VAL A 206 4.42 -16.36 -4.75
C VAL A 206 3.25 -17.36 -4.72
N ALA A 207 2.05 -16.95 -4.32
CA ALA A 207 0.92 -17.86 -4.12
C ALA A 207 0.44 -18.48 -5.45
N THR A 208 -0.24 -19.61 -5.35
CA THR A 208 -0.70 -20.41 -6.49
C THR A 208 -1.53 -19.53 -7.45
N ARG A 209 -1.14 -19.57 -8.73
CA ARG A 209 -1.60 -18.70 -9.75
C ARG A 209 -3.14 -18.65 -9.85
N TRP A 210 -3.77 -19.82 -9.92
CA TRP A 210 -5.18 -19.94 -10.24
C TRP A 210 -6.10 -19.28 -9.21
N TYR A 211 -5.60 -19.05 -7.98
CA TYR A 211 -6.43 -18.51 -6.86
C TYR A 211 -6.01 -17.06 -6.52
N ARG A 212 -5.24 -16.44 -7.41
CA ARG A 212 -4.77 -15.04 -7.22
C ARG A 212 -5.85 -14.08 -7.65
N ALA A 213 -6.17 -13.13 -6.79
CA ALA A 213 -7.15 -12.09 -7.11
C ALA A 213 -6.60 -11.19 -8.23
N PRO A 214 -7.50 -10.49 -8.95
CA PRO A 214 -7.13 -9.67 -10.11
C PRO A 214 -6.14 -8.57 -9.72
N GLU A 215 -6.35 -7.97 -8.55
CA GLU A 215 -5.52 -6.83 -8.13
C GLU A 215 -4.06 -7.30 -7.89
N ILE A 216 -3.80 -8.58 -7.58
CA ILE A 216 -2.41 -9.05 -7.44
C ILE A 216 -1.62 -8.71 -8.71
N MET A 217 -2.30 -8.69 -9.85
CA MET A 217 -1.59 -8.54 -11.10
C MET A 217 -1.56 -7.06 -11.50
N LEU A 218 -2.30 -6.22 -10.78
CA LEU A 218 -2.52 -4.82 -11.20
C LEU A 218 -1.81 -3.84 -10.28
N ASN A 219 -1.97 -3.99 -8.94
CA ASN A 219 -1.53 -2.93 -7.99
C ASN A 219 -1.43 -3.41 -6.53
N SER A 220 -1.43 -4.72 -6.26
CA SER A 220 -1.59 -5.19 -4.87
C SER A 220 -0.56 -6.26 -4.54
N LYS A 221 -0.01 -6.16 -3.33
CA LYS A 221 0.89 -7.14 -2.76
C LYS A 221 0.15 -8.26 -2.01
N GLY A 222 -1.17 -8.12 -1.88
CA GLY A 222 -1.95 -9.14 -1.21
C GLY A 222 -1.83 -9.02 0.29
N TYR A 223 -1.92 -7.79 0.81
CA TYR A 223 -1.75 -7.50 2.21
C TYR A 223 -3.09 -7.10 2.83
N THR A 224 -4.22 -7.41 2.22
CA THR A 224 -5.55 -7.18 2.91
C THR A 224 -6.43 -8.44 2.79
N LYS A 225 -7.45 -8.49 3.65
CA LYS A 225 -8.19 -9.70 3.90
C LYS A 225 -9.02 -10.09 2.67
N SER A 226 -9.28 -9.10 1.81
CA SER A 226 -9.98 -9.33 0.56
C SER A 226 -9.24 -10.36 -0.31
N ILE A 227 -7.90 -10.57 -0.14
CA ILE A 227 -7.33 -11.51 -1.13
C ILE A 227 -7.71 -12.95 -0.74
N ASP A 228 -7.98 -13.21 0.53
CA ASP A 228 -8.36 -14.57 0.94
C ASP A 228 -9.82 -14.82 0.54
N ILE A 229 -10.66 -13.79 0.59
CA ILE A 229 -12.03 -13.93 0.17
C ILE A 229 -12.08 -14.35 -1.30
N TRP A 230 -11.28 -13.70 -2.15
CA TRP A 230 -11.25 -14.05 -3.54
C TRP A 230 -10.93 -15.56 -3.68
N SER A 231 -9.84 -16.00 -3.05
CA SER A 231 -9.43 -17.41 -3.15
C SER A 231 -10.61 -18.32 -2.75
N VAL A 232 -11.33 -17.99 -1.68
CA VAL A 232 -12.49 -18.75 -1.21
C VAL A 232 -13.56 -18.77 -2.30
N GLY A 233 -13.78 -17.63 -2.97
CA GLY A 233 -14.65 -17.59 -4.11
C GLY A 233 -14.23 -18.59 -5.18
N CYS A 234 -12.94 -18.66 -5.49
CA CYS A 234 -12.46 -19.59 -6.52
C CYS A 234 -12.69 -21.05 -6.08
N ILE A 235 -12.59 -21.30 -4.77
CA ILE A 235 -12.77 -22.61 -4.24
C ILE A 235 -14.25 -22.97 -4.33
N LEU A 236 -15.15 -22.03 -4.03
CA LEU A 236 -16.57 -22.32 -4.18
C LEU A 236 -16.89 -22.68 -5.64
N ALA A 237 -16.39 -21.88 -6.59
CA ALA A 237 -16.61 -22.13 -7.96
C ALA A 237 -16.17 -23.56 -8.32
N GLU A 238 -15.00 -23.92 -7.81
CA GLU A 238 -14.42 -25.19 -8.11
C GLU A 238 -15.29 -26.32 -7.50
N MET A 239 -15.86 -26.09 -6.32
CA MET A 239 -16.72 -27.10 -5.69
C MET A 239 -18.01 -27.25 -6.52
N LEU A 240 -18.46 -26.18 -7.20
CA LEU A 240 -19.75 -26.23 -7.93
C LEU A 240 -19.57 -26.99 -9.27
N SER A 241 -18.34 -27.01 -9.83
CA SER A 241 -18.19 -27.49 -11.22
C SER A 241 -17.05 -28.53 -11.33
N ASN A 242 -16.30 -28.78 -10.29
CA ASN A 242 -15.22 -29.78 -10.31
C ASN A 242 -14.10 -29.34 -11.25
N ARG A 243 -13.92 -28.05 -11.45
CA ARG A 243 -12.77 -27.57 -12.22
C ARG A 243 -12.43 -26.14 -11.80
N PRO A 244 -11.17 -25.75 -12.00
CA PRO A 244 -10.78 -24.46 -11.60
C PRO A 244 -11.50 -23.43 -12.47
N ILE A 245 -11.96 -22.36 -11.85
CA ILE A 245 -12.72 -21.35 -12.63
C ILE A 245 -11.76 -20.49 -13.48
N PHE A 246 -10.55 -20.22 -12.98
CA PHE A 246 -9.62 -19.32 -13.72
C PHE A 246 -8.25 -19.99 -13.87
N PRO A 247 -8.15 -20.92 -14.84
CA PRO A 247 -6.89 -21.71 -14.83
C PRO A 247 -5.83 -21.07 -15.73
N GLY A 248 -5.30 -19.93 -15.35
CA GLY A 248 -4.34 -19.24 -16.24
C GLY A 248 -3.08 -20.07 -16.46
N LYS A 249 -2.55 -20.02 -17.68
CA LYS A 249 -1.38 -20.80 -18.10
C LYS A 249 -0.08 -20.06 -17.79
N HIS A 250 -0.17 -18.77 -17.47
CA HIS A 250 0.96 -17.99 -17.08
C HIS A 250 0.46 -16.70 -16.45
N TYR A 251 1.41 -15.95 -15.92
CA TYR A 251 1.12 -14.88 -15.02
C TYR A 251 0.00 -13.97 -15.59
N LEU A 252 0.20 -13.42 -16.78
CA LEU A 252 -0.76 -12.46 -17.37
C LEU A 252 -2.08 -13.15 -17.83
N ASP A 253 -1.96 -14.40 -18.28
CA ASP A 253 -3.09 -15.19 -18.68
C ASP A 253 -4.09 -15.29 -17.51
N GLN A 254 -3.59 -15.30 -16.29
CA GLN A 254 -4.46 -15.42 -15.11
C GLN A 254 -5.41 -14.23 -15.03
N LEU A 255 -4.86 -13.03 -15.24
CA LEU A 255 -5.67 -11.82 -15.30
C LEU A 255 -6.66 -11.88 -16.46
N ASN A 256 -6.20 -12.34 -17.60
CA ASN A 256 -7.04 -12.41 -18.80
C ASN A 256 -8.20 -13.39 -18.53
N HIS A 257 -7.93 -14.54 -17.92
CA HIS A 257 -9.04 -15.46 -17.55
C HIS A 257 -10.05 -14.74 -16.65
N ILE A 258 -9.55 -13.99 -15.67
CA ILE A 258 -10.46 -13.37 -14.74
C ILE A 258 -11.33 -12.37 -15.51
N LEU A 259 -10.70 -11.50 -16.30
CA LEU A 259 -11.47 -10.41 -17.03
C LEU A 259 -12.44 -11.01 -18.06
N GLY A 260 -12.11 -12.17 -18.61
CA GLY A 260 -12.98 -12.89 -19.56
C GLY A 260 -14.33 -13.24 -18.98
N ILE A 261 -14.41 -13.41 -17.66
CA ILE A 261 -15.66 -13.75 -17.03
C ILE A 261 -16.27 -12.52 -16.34
N LEU A 262 -15.46 -11.71 -15.67
CA LEU A 262 -16.02 -10.56 -14.94
C LEU A 262 -16.36 -9.40 -15.88
N GLY A 263 -15.72 -9.37 -17.05
CA GLY A 263 -15.95 -8.32 -18.05
C GLY A 263 -15.10 -7.08 -17.77
N SER A 264 -15.32 -6.06 -18.61
CA SER A 264 -14.66 -4.77 -18.53
C SER A 264 -14.95 -4.10 -17.18
N PRO A 265 -13.91 -3.72 -16.44
CA PRO A 265 -14.21 -3.06 -15.20
C PRO A 265 -15.03 -1.78 -15.42
N SER A 266 -15.91 -1.44 -14.48
CA SER A 266 -16.63 -0.19 -14.53
C SER A 266 -15.66 1.00 -14.43
N GLN A 267 -16.14 2.18 -14.81
CA GLN A 267 -15.34 3.38 -14.71
C GLN A 267 -14.99 3.66 -13.23
N GLU A 268 -15.94 3.46 -12.32
CA GLU A 268 -15.64 3.64 -10.90
C GLU A 268 -14.49 2.71 -10.46
N ASP A 269 -14.51 1.46 -10.92
CA ASP A 269 -13.47 0.49 -10.56
C ASP A 269 -12.14 0.86 -11.24
N LEU A 270 -12.15 1.42 -12.45
CA LEU A 270 -10.92 1.87 -13.11
C LEU A 270 -10.32 3.04 -12.36
N ASN A 271 -11.17 3.93 -11.82
CA ASN A 271 -10.72 5.17 -11.17
C ASN A 271 -10.07 4.89 -9.83
N CYS A 272 -10.21 3.66 -9.30
CA CYS A 272 -9.47 3.20 -8.13
C CYS A 272 -8.10 2.61 -8.54
N ILE A 273 -7.77 2.57 -9.83
CA ILE A 273 -6.46 2.06 -10.26
C ILE A 273 -5.67 3.20 -10.92
N ILE A 274 -4.58 3.65 -10.34
CA ILE A 274 -3.88 4.81 -10.98
C ILE A 274 -2.49 4.40 -11.47
N ASN A 275 -2.07 3.15 -11.25
CA ASN A 275 -0.88 2.64 -11.95
C ASN A 275 -1.08 2.79 -13.46
N MET A 276 -0.18 3.51 -14.13
CA MET A 276 -0.47 3.91 -15.49
C MET A 276 -0.49 2.70 -16.42
N LYS A 277 0.44 1.77 -16.25
CA LYS A 277 0.52 0.60 -17.10
C LYS A 277 -0.68 -0.36 -16.88
N ALA A 278 -1.07 -0.57 -15.64
CA ALA A 278 -2.27 -1.33 -15.34
C ALA A 278 -3.49 -0.70 -16.02
N ARG A 279 -3.73 0.61 -15.84
CA ARG A 279 -4.93 1.23 -16.44
C ARG A 279 -4.89 1.11 -17.97
N ASN A 280 -3.74 1.44 -18.59
CA ASN A 280 -3.68 1.42 -20.05
C ASN A 280 -3.88 -0.02 -20.54
N TYR A 281 -3.36 -1.02 -19.83
CA TYR A 281 -3.62 -2.41 -20.23
C TYR A 281 -5.13 -2.66 -20.19
N LEU A 282 -5.78 -2.24 -19.11
CA LEU A 282 -7.19 -2.57 -18.93
C LEU A 282 -8.02 -1.89 -20.00
N GLN A 283 -7.65 -0.66 -20.28
CA GLN A 283 -8.38 0.18 -21.23
C GLN A 283 -8.09 -0.27 -22.67
N SER A 284 -7.07 -1.07 -22.92
CA SER A 284 -6.82 -1.54 -24.28
C SER A 284 -7.73 -2.73 -24.64
N LEU A 285 -8.46 -3.29 -23.71
CA LEU A 285 -9.14 -4.58 -24.03
C LEU A 285 -10.50 -4.29 -24.67
N PRO A 286 -10.88 -5.07 -25.64
CA PRO A 286 -12.27 -4.87 -26.11
C PRO A 286 -13.33 -4.98 -25.01
N SER A 287 -14.33 -4.14 -25.12
CA SER A 287 -15.47 -4.08 -24.25
C SER A 287 -16.12 -5.47 -24.07
N LYS A 288 -16.45 -5.84 -22.84
CA LYS A 288 -17.14 -7.10 -22.63
C LYS A 288 -17.93 -7.00 -21.34
N THR A 289 -19.16 -7.45 -21.42
CA THR A 289 -20.07 -7.48 -20.31
C THR A 289 -19.88 -8.75 -19.48
N LYS A 290 -20.04 -8.58 -18.18
CA LYS A 290 -19.93 -9.65 -17.18
C LYS A 290 -20.76 -10.86 -17.62
N VAL A 291 -20.18 -12.05 -17.49
CA VAL A 291 -20.90 -13.30 -17.85
C VAL A 291 -21.78 -13.64 -16.66
N ALA A 292 -23.03 -13.93 -16.92
CA ALA A 292 -23.96 -14.27 -15.84
C ALA A 292 -23.51 -15.57 -15.18
N TRP A 293 -23.32 -15.54 -13.87
CA TRP A 293 -22.96 -16.77 -13.14
C TRP A 293 -23.94 -17.91 -13.47
N ALA A 294 -25.23 -17.62 -13.59
CA ALA A 294 -26.23 -18.69 -13.86
C ALA A 294 -25.99 -19.34 -15.24
N LYS A 295 -25.33 -18.65 -16.13
CA LYS A 295 -24.99 -19.24 -17.41
C LYS A 295 -23.76 -20.11 -17.28
N LEU A 296 -22.81 -19.77 -16.39
CA LEU A 296 -21.64 -20.63 -16.27
C LEU A 296 -21.97 -21.81 -15.37
N PHE A 297 -22.95 -21.65 -14.48
CA PHE A 297 -23.29 -22.65 -13.47
C PHE A 297 -24.79 -22.86 -13.52
N PRO A 298 -25.25 -23.49 -14.61
CA PRO A 298 -26.70 -23.57 -14.82
C PRO A 298 -27.42 -24.51 -13.83
N LYS A 299 -26.73 -25.38 -13.14
CA LYS A 299 -27.44 -26.29 -12.26
C LYS A 299 -27.08 -26.04 -10.79
N SER A 300 -26.53 -24.89 -10.46
CA SER A 300 -26.15 -24.54 -9.08
C SER A 300 -27.26 -23.75 -8.37
N ASP A 301 -27.38 -23.93 -7.06
CA ASP A 301 -28.25 -23.16 -6.20
C ASP A 301 -28.01 -21.67 -6.44
N SER A 302 -29.10 -20.92 -6.61
CA SER A 302 -29.01 -19.49 -6.89
C SER A 302 -28.48 -18.73 -5.65
N LYS A 303 -28.73 -19.20 -4.43
CA LYS A 303 -28.17 -18.55 -3.25
C LYS A 303 -26.63 -18.69 -3.25
N ALA A 304 -26.14 -19.87 -3.66
CA ALA A 304 -24.70 -20.10 -3.75
C ALA A 304 -24.09 -19.19 -4.81
N LEU A 305 -24.78 -19.03 -5.96
CA LEU A 305 -24.27 -18.14 -6.99
C LEU A 305 -24.26 -16.69 -6.50
N ASP A 306 -25.23 -16.26 -5.70
CA ASP A 306 -25.23 -14.90 -5.17
C ASP A 306 -23.99 -14.71 -4.27
N LEU A 307 -23.71 -15.67 -3.39
CA LEU A 307 -22.53 -15.55 -2.54
C LEU A 307 -21.26 -15.53 -3.42
N LEU A 308 -21.20 -16.41 -4.42
CA LEU A 308 -20.06 -16.45 -5.31
C LEU A 308 -19.84 -15.08 -5.96
N ASP A 309 -20.93 -14.46 -6.47
CA ASP A 309 -20.88 -13.13 -7.03
C ASP A 309 -20.18 -12.12 -6.10
N ARG A 310 -20.48 -12.17 -4.81
CA ARG A 310 -20.01 -11.17 -3.85
C ARG A 310 -18.56 -11.43 -3.43
N MET A 311 -18.09 -12.67 -3.59
CA MET A 311 -16.73 -13.06 -3.23
C MET A 311 -15.82 -12.76 -4.41
N LEU A 312 -16.33 -12.90 -5.63
CA LEU A 312 -15.51 -12.71 -6.78
C LEU A 312 -15.79 -11.34 -7.42
N THR A 313 -15.83 -10.29 -6.62
CA THR A 313 -15.97 -8.98 -7.19
C THR A 313 -14.60 -8.49 -7.62
N PHE A 314 -14.59 -7.82 -8.76
CA PHE A 314 -13.37 -7.27 -9.28
C PHE A 314 -12.71 -6.30 -8.26
N ASN A 315 -13.49 -5.38 -7.73
CA ASN A 315 -12.93 -4.34 -6.86
C ASN A 315 -12.79 -4.90 -5.43
N PRO A 316 -11.55 -4.93 -4.89
CA PRO A 316 -11.36 -5.55 -3.57
C PRO A 316 -12.11 -4.78 -2.49
N ASN A 317 -12.36 -3.53 -2.71
CA ASN A 317 -13.02 -2.73 -1.68
C ASN A 317 -14.51 -3.06 -1.60
N LYS A 318 -15.09 -3.68 -2.62
CA LYS A 318 -16.53 -4.00 -2.64
C LYS A 318 -16.75 -5.50 -2.38
N ARG A 319 -15.68 -6.25 -2.21
CA ARG A 319 -15.73 -7.70 -1.92
C ARG A 319 -16.30 -7.93 -0.51
N ILE A 320 -17.16 -8.93 -0.37
CA ILE A 320 -17.77 -9.31 0.93
C ILE A 320 -16.65 -9.65 1.92
N THR A 321 -16.87 -9.35 3.20
CA THR A 321 -15.97 -9.76 4.30
C THR A 321 -16.38 -11.16 4.84
N VAL A 322 -15.50 -11.80 5.60
CA VAL A 322 -15.78 -13.17 6.08
C VAL A 322 -17.02 -13.16 6.99
N GLU A 323 -17.22 -12.09 7.78
CA GLU A 323 -18.35 -12.05 8.68
C GLU A 323 -19.64 -11.99 7.87
N GLU A 324 -19.64 -11.18 6.85
CA GLU A 324 -20.81 -10.97 5.99
C GLU A 324 -21.08 -12.27 5.22
N ALA A 325 -20.02 -12.97 4.75
CA ALA A 325 -20.20 -14.22 4.04
C ALA A 325 -20.87 -15.28 4.94
N LEU A 326 -20.45 -15.39 6.22
CA LEU A 326 -21.05 -16.34 7.14
C LEU A 326 -22.55 -16.02 7.33
N ALA A 327 -22.90 -14.75 7.36
CA ALA A 327 -24.31 -14.34 7.54
C ALA A 327 -25.14 -14.51 6.25
N HIS A 328 -24.54 -14.85 5.12
CA HIS A 328 -25.28 -14.90 3.85
C HIS A 328 -26.36 -16.01 3.89
N PRO A 329 -27.51 -15.78 3.23
CA PRO A 329 -28.57 -16.79 3.24
C PRO A 329 -28.16 -18.22 2.79
N TYR A 330 -27.14 -18.39 1.96
CA TYR A 330 -26.73 -19.72 1.51
C TYR A 330 -26.34 -20.61 2.70
N LEU A 331 -25.76 -20.00 3.74
CA LEU A 331 -25.14 -20.74 4.86
C LEU A 331 -26.05 -20.81 6.10
N GLU A 332 -27.30 -20.42 5.94
CA GLU A 332 -28.22 -20.21 7.00
C GLU A 332 -28.45 -21.47 7.85
N GLN A 333 -28.35 -22.66 7.32
CA GLN A 333 -28.55 -23.86 8.19
C GLN A 333 -27.43 -23.98 9.24
N TYR A 334 -26.23 -23.45 8.93
CA TYR A 334 -25.04 -23.66 9.82
C TYR A 334 -24.67 -22.39 10.60
N TYR A 335 -25.09 -21.23 10.11
CA TYR A 335 -24.63 -19.96 10.67
C TYR A 335 -24.96 -19.89 12.17
N ASP A 336 -23.97 -19.57 13.00
CA ASP A 336 -24.23 -19.52 14.46
C ASP A 336 -23.10 -18.71 15.10
N PRO A 337 -23.31 -17.39 15.20
CA PRO A 337 -22.22 -16.53 15.63
C PRO A 337 -21.78 -16.82 17.07
N THR A 338 -22.59 -17.52 17.88
CA THR A 338 -22.11 -17.89 19.24
C THR A 338 -21.17 -19.11 19.17
N ASP A 339 -21.04 -19.74 18.01
CA ASP A 339 -20.22 -20.95 17.85
C ASP A 339 -19.22 -20.71 16.72
N GLU A 340 -18.79 -19.47 16.59
CA GLU A 340 -17.80 -19.08 15.56
C GLU A 340 -16.70 -18.22 16.23
N PRO A 341 -15.82 -18.88 16.96
CA PRO A 341 -14.92 -18.15 17.85
C PRO A 341 -13.87 -17.33 17.07
N VAL A 342 -13.25 -16.40 17.79
CA VAL A 342 -12.21 -15.46 17.27
C VAL A 342 -10.98 -15.63 18.16
N ALA A 343 -9.86 -15.15 17.65
CA ALA A 343 -8.57 -15.29 18.36
C ALA A 343 -8.53 -14.33 19.55
N GLU A 344 -7.74 -14.69 20.56
CA GLU A 344 -7.51 -13.83 21.74
C GLU A 344 -7.11 -12.43 21.30
N GLU A 345 -6.16 -12.37 20.36
CA GLU A 345 -5.43 -11.14 20.11
C GLU A 345 -4.80 -11.14 18.71
N PRO A 346 -4.75 -9.97 18.08
CA PRO A 346 -4.05 -9.93 16.80
C PRO A 346 -2.55 -10.16 16.95
N PHE A 347 -1.91 -10.53 15.87
CA PHE A 347 -0.50 -10.81 15.77
C PHE A 347 0.21 -9.69 15.01
N THR A 348 1.53 -9.58 15.18
CA THR A 348 2.36 -8.65 14.42
C THR A 348 3.64 -9.38 13.98
N PHE A 349 4.01 -9.16 12.74
CA PHE A 349 5.28 -9.59 12.14
C PHE A 349 5.85 -8.38 11.35
N ALA A 350 6.99 -7.88 11.79
CA ALA A 350 7.65 -6.71 11.11
C ALA A 350 8.17 -7.14 9.74
N MET A 351 8.12 -6.21 8.80
CA MET A 351 8.76 -6.38 7.49
C MET A 351 10.21 -6.82 7.68
N GLU A 352 10.89 -6.31 8.72
CA GLU A 352 12.35 -6.57 8.95
C GLU A 352 12.61 -8.06 9.16
N LEU A 353 11.63 -8.84 9.64
CA LEU A 353 11.77 -10.34 9.69
C LEU A 353 12.25 -10.88 8.32
N ASP A 354 11.74 -10.31 7.24
CA ASP A 354 11.91 -10.88 5.91
C ASP A 354 13.34 -10.59 5.43
N ASP A 355 14.03 -9.67 6.11
CA ASP A 355 15.41 -9.31 5.76
C ASP A 355 16.40 -9.99 6.71
N LEU A 356 15.94 -10.87 7.62
CA LEU A 356 16.90 -11.50 8.53
C LEU A 356 17.68 -12.56 7.76
N PRO A 357 18.99 -12.62 7.99
CA PRO A 357 19.78 -13.74 7.49
C PRO A 357 19.24 -15.08 8.00
N LYS A 358 19.45 -16.13 7.22
CA LYS A 358 18.80 -17.40 7.49
C LYS A 358 19.32 -18.01 8.81
N GLU A 359 20.58 -17.73 9.17
CA GLU A 359 21.14 -18.17 10.46
C GLU A 359 20.29 -17.62 11.62
N ARG A 360 19.82 -16.38 11.51
CA ARG A 360 18.99 -15.78 12.56
C ARG A 360 17.59 -16.42 12.54
N LEU A 361 17.06 -16.70 11.37
CA LEU A 361 15.73 -17.38 11.30
C LEU A 361 15.87 -18.77 11.90
N LYS A 362 17.02 -19.41 11.66
CA LYS A 362 17.25 -20.71 12.18
C LYS A 362 17.22 -20.67 13.71
N GLU A 363 17.81 -19.63 14.31
CA GLU A 363 17.86 -19.58 15.77
C GLU A 363 16.45 -19.37 16.35
N LEU A 364 15.63 -18.57 15.67
CA LEU A 364 14.20 -18.35 16.09
C LEU A 364 13.39 -19.65 15.98
N ILE A 365 13.62 -20.48 14.98
CA ILE A 365 12.95 -21.78 14.84
C ILE A 365 13.41 -22.70 15.97
N PHE A 366 14.71 -22.63 16.31
CA PHE A 366 15.26 -23.38 17.45
C PHE A 366 14.52 -22.95 18.73
N GLN A 367 14.33 -21.66 18.93
CA GLN A 367 13.67 -21.12 20.10
C GLN A 367 12.18 -21.54 20.13
N GLU A 368 11.49 -21.36 19.01
CA GLU A 368 10.05 -21.62 18.97
C GLU A 368 9.76 -23.11 19.23
N THR A 369 10.73 -24.00 18.93
CA THR A 369 10.52 -25.45 19.03
C THR A 369 11.05 -26.03 20.35
N ALA A 370 11.67 -25.17 21.19
CA ALA A 370 12.29 -25.57 22.40
C ALA A 370 11.29 -26.23 23.37
N ARG A 371 10.05 -25.76 23.39
CA ARG A 371 9.11 -26.22 24.42
C ARG A 371 8.73 -27.69 24.20
N PHE A 372 9.07 -28.28 23.07
CA PHE A 372 8.73 -29.67 22.76
C PHE A 372 9.95 -30.58 23.01
N GLN A 373 11.09 -30.02 23.39
CA GLN A 373 12.26 -30.84 23.77
C GLN A 373 12.03 -31.42 25.17
N PRO A 374 12.71 -32.49 25.49
CA PRO A 374 13.49 -33.28 24.56
C PRO A 374 12.49 -34.30 23.98
N GLY A 375 12.95 -35.20 23.11
CA GLY A 375 12.09 -36.34 22.68
C GLY A 375 11.17 -36.83 23.79
N PRO B 26 -15.57 10.37 29.73
CA PRO B 26 -15.11 9.20 28.98
C PRO B 26 -15.96 8.95 27.71
N GLY B 27 -15.34 8.49 26.63
CA GLY B 27 -16.08 8.12 25.40
C GLY B 27 -16.57 9.34 24.62
N GLU B 28 -16.17 10.52 25.07
CA GLU B 28 -16.65 11.79 24.51
C GLU B 28 -15.96 12.07 23.17
N VAL B 29 -16.27 13.22 22.63
CA VAL B 29 -15.71 13.69 21.43
C VAL B 29 -14.82 14.87 21.80
N GLU B 30 -13.54 14.77 21.56
CA GLU B 30 -12.66 15.83 21.97
C GLU B 30 -12.76 16.97 20.96
N MET B 31 -12.86 18.18 21.47
CA MET B 31 -12.89 19.38 20.64
C MET B 31 -11.47 19.90 20.46
N VAL B 32 -11.20 20.36 19.27
CA VAL B 32 -9.97 20.98 18.97
C VAL B 32 -10.29 22.31 18.27
N LYS B 33 -10.02 23.42 18.96
CA LYS B 33 -10.26 24.73 18.40
C LYS B 33 -11.71 24.85 17.93
N GLY B 34 -12.63 24.38 18.78
CA GLY B 34 -14.04 24.51 18.49
C GLY B 34 -14.51 23.54 17.45
N GLN B 35 -13.69 22.53 17.10
CA GLN B 35 -14.09 21.52 16.07
C GLN B 35 -14.06 20.12 16.69
N PRO B 36 -15.15 19.38 16.56
CA PRO B 36 -15.13 18.04 17.14
C PRO B 36 -14.18 17.12 16.34
N PHE B 37 -13.37 16.36 17.04
CA PHE B 37 -12.49 15.40 16.43
C PHE B 37 -12.89 13.99 16.86
N ASP B 38 -13.72 13.34 16.08
CA ASP B 38 -14.32 12.13 16.50
C ASP B 38 -13.46 10.94 16.06
N VAL B 39 -12.40 10.65 16.83
CA VAL B 39 -11.41 9.64 16.43
C VAL B 39 -11.19 8.60 17.55
N GLY B 40 -11.90 8.73 18.64
CA GLY B 40 -11.90 7.72 19.66
C GLY B 40 -12.58 6.45 19.16
N PRO B 41 -12.26 5.29 19.74
CA PRO B 41 -11.49 5.23 20.99
C PRO B 41 -10.00 5.00 20.75
N ARG B 42 -9.56 4.72 19.51
CA ARG B 42 -8.16 4.41 19.30
C ARG B 42 -7.27 5.64 19.58
N TYR B 43 -7.80 6.83 19.32
CA TYR B 43 -6.96 8.04 19.36
C TYR B 43 -7.58 9.01 20.35
N THR B 44 -6.80 9.44 21.34
CA THR B 44 -7.29 10.35 22.37
C THR B 44 -6.20 11.36 22.77
N GLN B 45 -6.55 12.26 23.72
CA GLN B 45 -5.65 13.30 24.25
C GLN B 45 -5.12 14.15 23.06
N LEU B 46 -6.08 14.76 22.36
CA LEU B 46 -5.81 15.54 21.16
C LEU B 46 -5.34 16.95 21.53
N GLN B 47 -4.32 17.43 20.82
CA GLN B 47 -3.93 18.83 20.92
C GLN B 47 -3.79 19.41 19.51
N TYR B 48 -4.25 20.64 19.40
CA TYR B 48 -4.19 21.40 18.19
C TYR B 48 -2.75 21.59 17.73
N ILE B 49 -2.50 21.41 16.46
CA ILE B 49 -1.18 21.76 15.95
C ILE B 49 -1.32 22.96 14.99
N GLY B 50 -2.31 22.95 14.10
CA GLY B 50 -2.39 24.01 13.11
C GLY B 50 -3.45 23.73 12.06
N GLU B 51 -3.46 24.60 11.07
CA GLU B 51 -4.37 24.52 9.94
C GLU B 51 -3.60 24.66 8.63
N GLY B 52 -3.85 23.74 7.69
CA GLY B 52 -3.66 24.04 6.26
C GLY B 52 -4.95 24.58 5.64
N ALA B 53 -4.91 25.03 4.37
CA ALA B 53 -6.17 25.27 3.59
C ALA B 53 -6.93 23.94 3.42
N TYR B 54 -6.21 22.82 3.38
CA TYR B 54 -6.87 21.51 3.31
C TYR B 54 -6.82 20.85 4.69
N GLY B 55 -7.20 21.59 5.75
CA GLY B 55 -7.78 20.95 6.97
C GLY B 55 -7.21 21.48 8.29
N MET B 56 -7.62 20.82 9.38
CA MET B 56 -7.11 21.13 10.70
C MET B 56 -6.35 19.92 11.27
N VAL B 57 -5.17 20.16 11.82
CA VAL B 57 -4.31 19.08 12.25
C VAL B 57 -4.17 19.11 13.76
N SER B 58 -4.23 17.92 14.33
CA SER B 58 -4.07 17.64 15.77
C SER B 58 -2.99 16.58 16.00
N SER B 59 -2.35 16.61 17.16
CA SER B 59 -1.62 15.41 17.62
C SER B 59 -2.56 14.59 18.48
N ALA B 60 -2.34 13.29 18.52
CA ALA B 60 -3.17 12.41 19.30
C ALA B 60 -2.34 11.22 19.79
N TYR B 61 -2.80 10.58 20.87
CA TYR B 61 -2.16 9.36 21.33
C TYR B 61 -2.88 8.17 20.73
N ASP B 62 -2.10 7.33 20.06
CA ASP B 62 -2.57 6.14 19.39
C ASP B 62 -2.50 4.98 20.41
N HIS B 63 -3.63 4.55 20.95
CA HIS B 63 -3.67 3.50 22.02
C HIS B 63 -3.25 2.12 21.48
N VAL B 64 -3.21 1.92 20.18
CA VAL B 64 -2.82 0.64 19.64
C VAL B 64 -1.30 0.60 19.50
N ARG B 65 -0.71 1.66 18.95
CA ARG B 65 0.74 1.66 18.67
C ARG B 65 1.49 2.29 19.84
N LYS B 66 0.76 2.93 20.75
CA LYS B 66 1.36 3.47 22.02
C LYS B 66 2.35 4.56 21.66
N THR B 67 1.92 5.46 20.79
CA THR B 67 2.74 6.55 20.34
C THR B 67 1.84 7.72 19.95
N ARG B 68 2.39 8.93 19.94
CA ARG B 68 1.62 10.11 19.51
C ARG B 68 1.77 10.23 18.00
N VAL B 69 0.67 10.64 17.35
CA VAL B 69 0.59 10.76 15.89
C VAL B 69 -0.03 12.12 15.50
N ALA B 70 0.11 12.48 14.22
CA ALA B 70 -0.66 13.62 13.64
C ALA B 70 -1.98 13.12 13.04
N ILE B 71 -3.08 13.82 13.29
CA ILE B 71 -4.38 13.57 12.64
C ILE B 71 -4.90 14.85 11.99
N LYS B 72 -5.09 14.77 10.65
CA LYS B 72 -5.68 15.87 9.85
C LYS B 72 -7.17 15.57 9.63
N LYS B 73 -8.05 16.46 10.09
CA LYS B 73 -9.48 16.39 9.75
C LYS B 73 -9.76 17.20 8.48
N ILE B 74 -10.33 16.53 7.49
CA ILE B 74 -10.77 17.16 6.26
C ILE B 74 -12.30 17.02 6.14
N SER B 75 -12.95 18.14 5.81
CA SER B 75 -14.38 18.21 5.57
C SER B 75 -14.64 18.80 4.16
N PRO B 76 -14.43 18.01 3.11
CA PRO B 76 -14.43 18.53 1.73
C PRO B 76 -15.74 18.40 0.92
N PHE B 77 -16.76 17.74 1.45
CA PHE B 77 -17.84 17.16 0.61
C PHE B 77 -18.86 18.22 0.14
N GLU B 78 -18.74 19.45 0.61
CA GLU B 78 -19.60 20.49 0.15
C GLU B 78 -19.04 21.12 -1.16
N HIS B 79 -17.76 20.94 -1.48
CA HIS B 79 -17.22 21.60 -2.68
C HIS B 79 -16.46 20.59 -3.55
N GLN B 80 -16.73 20.67 -4.84
CA GLN B 80 -16.17 19.76 -5.81
C GLN B 80 -14.64 19.91 -5.80
N THR B 81 -14.12 21.15 -5.73
CA THR B 81 -12.68 21.31 -5.77
C THR B 81 -12.04 20.70 -4.51
N TYR B 82 -12.67 20.81 -3.35
CA TYR B 82 -12.11 20.25 -2.14
C TYR B 82 -12.11 18.72 -2.26
N CYS B 83 -13.14 18.18 -2.88
CA CYS B 83 -13.25 16.75 -3.02
C CYS B 83 -12.12 16.24 -3.93
N GLN B 84 -11.87 16.98 -5.00
CA GLN B 84 -10.80 16.69 -5.95
C GLN B 84 -9.47 16.59 -5.18
N ARG B 85 -9.24 17.54 -4.31
CA ARG B 85 -7.93 17.66 -3.62
C ARG B 85 -7.77 16.53 -2.61
N THR B 86 -8.85 16.22 -1.90
CA THR B 86 -8.79 15.17 -0.89
C THR B 86 -8.50 13.82 -1.56
N LEU B 87 -9.23 13.53 -2.65
CA LEU B 87 -9.04 12.26 -3.32
C LEU B 87 -7.63 12.18 -3.88
N ARG B 88 -7.18 13.28 -4.45
CA ARG B 88 -5.87 13.34 -5.04
C ARG B 88 -4.79 13.04 -3.99
N GLU B 89 -4.84 13.68 -2.86
CA GLU B 89 -3.79 13.50 -1.86
C GLU B 89 -3.84 12.05 -1.35
N ILE B 90 -5.05 11.57 -1.08
CA ILE B 90 -5.24 10.21 -0.58
C ILE B 90 -4.69 9.21 -1.62
N GLN B 91 -5.07 9.33 -2.88
CA GLN B 91 -4.71 8.31 -3.86
C GLN B 91 -3.20 8.27 -4.02
N ILE B 92 -2.57 9.45 -4.07
CA ILE B 92 -1.11 9.52 -4.23
C ILE B 92 -0.42 8.98 -2.97
N LEU B 93 -0.74 9.45 -1.80
CA LEU B 93 0.12 9.07 -0.66
C LEU B 93 -0.12 7.61 -0.25
N LEU B 94 -1.27 6.99 -0.60
CA LEU B 94 -1.39 5.58 -0.21
C LEU B 94 -0.48 4.74 -1.09
N ARG B 95 -0.01 5.32 -2.20
CA ARG B 95 0.70 4.54 -3.19
C ARG B 95 2.19 4.88 -3.18
N PHE B 96 2.57 5.92 -2.44
CA PHE B 96 3.95 6.36 -2.32
C PHE B 96 4.54 5.79 -1.03
N ARG B 97 5.80 5.38 -1.11
CA ARG B 97 6.52 5.04 0.05
C ARG B 97 7.99 5.45 -0.11
N HIS B 98 8.40 6.43 0.67
CA HIS B 98 9.74 7.04 0.54
C HIS B 98 10.06 7.80 1.83
N GLU B 99 11.33 7.78 2.22
CA GLU B 99 11.82 8.40 3.44
C GLU B 99 11.55 9.92 3.48
N ASN B 100 11.49 10.56 2.32
CA ASN B 100 11.41 12.01 2.32
C ASN B 100 10.02 12.44 1.89
N VAL B 101 9.07 11.51 1.93
CA VAL B 101 7.66 11.82 1.67
C VAL B 101 6.80 11.31 2.83
N ILE B 102 5.87 12.14 3.29
CA ILE B 102 5.05 11.76 4.42
C ILE B 102 4.12 10.62 4.01
N GLY B 103 3.95 9.66 4.96
CA GLY B 103 3.12 8.47 4.77
C GLY B 103 1.68 8.70 5.24
N ILE B 104 0.76 7.79 4.87
CA ILE B 104 -0.53 7.69 5.57
C ILE B 104 -0.54 6.40 6.41
N ARG B 105 -0.78 6.53 7.69
CA ARG B 105 -0.78 5.35 8.65
C ARG B 105 -2.19 4.73 8.80
N ASP B 106 -3.23 5.55 8.69
CA ASP B 106 -4.62 5.15 8.97
C ASP B 106 -5.55 6.23 8.39
N ILE B 107 -6.76 5.83 8.07
CA ILE B 107 -7.82 6.77 7.69
C ILE B 107 -9.11 6.35 8.38
N LEU B 108 -9.75 7.32 9.05
CA LEU B 108 -11.01 7.11 9.76
C LEU B 108 -12.10 7.89 9.03
N ARG B 109 -13.26 7.29 8.91
CA ARG B 109 -14.48 7.92 8.35
C ARG B 109 -15.67 7.01 8.67
N ALA B 110 -16.88 7.53 8.54
CA ALA B 110 -18.05 6.82 9.03
C ALA B 110 -18.26 5.52 8.23
N SER B 111 -18.98 4.56 8.82
CA SER B 111 -19.22 3.24 8.21
C SER B 111 -20.09 3.33 6.94
N THR B 112 -20.91 4.35 6.78
CA THR B 112 -21.75 4.47 5.59
C THR B 112 -21.50 5.81 4.88
N LEU B 113 -21.88 5.86 3.60
CA LEU B 113 -21.58 6.99 2.74
C LEU B 113 -22.38 8.23 3.17
N GLU B 114 -23.65 8.07 3.50
CA GLU B 114 -24.46 9.27 3.87
C GLU B 114 -23.94 9.84 5.21
N ALA B 115 -23.43 8.99 6.10
CA ALA B 115 -22.95 9.45 7.41
C ALA B 115 -21.56 10.10 7.27
N MET B 116 -20.87 9.85 6.16
CA MET B 116 -19.52 10.37 5.99
C MET B 116 -19.56 11.86 5.66
N ARG B 117 -19.21 12.69 6.67
CA ARG B 117 -19.14 14.15 6.48
CA ARG B 117 -19.13 14.15 6.45
C ARG B 117 -17.68 14.63 6.56
N ASP B 118 -16.78 13.77 7.01
CA ASP B 118 -15.40 14.21 7.10
C ASP B 118 -14.50 12.98 7.07
N VAL B 119 -13.22 13.21 6.86
CA VAL B 119 -12.25 12.15 6.81
C VAL B 119 -11.06 12.55 7.71
N TYR B 120 -10.50 11.59 8.44
CA TYR B 120 -9.38 11.86 9.30
C TYR B 120 -8.18 11.05 8.80
N ILE B 121 -7.11 11.77 8.49
CA ILE B 121 -5.91 11.12 7.96
C ILE B 121 -4.82 11.11 9.04
N VAL B 122 -4.34 9.91 9.36
CA VAL B 122 -3.39 9.75 10.40
C VAL B 122 -1.99 9.61 9.79
N GLN B 123 -1.05 10.37 10.34
CA GLN B 123 0.34 10.44 9.83
C GLN B 123 1.32 10.46 10.99
N ASP B 124 2.58 10.11 10.69
CA ASP B 124 3.68 10.24 11.67
C ASP B 124 3.73 11.70 12.16
N LEU B 125 3.87 11.85 13.45
CA LEU B 125 3.97 13.18 14.03
C LEU B 125 5.40 13.65 13.84
N MET B 126 5.56 14.77 13.20
CA MET B 126 6.88 15.37 13.00
C MET B 126 7.04 16.54 13.98
N GLU B 127 8.25 16.95 14.21
CA GLU B 127 8.52 17.92 15.27
C GLU B 127 8.15 19.34 14.84
N THR B 128 8.51 19.70 13.60
CA THR B 128 8.22 21.05 13.12
C THR B 128 8.11 21.04 11.59
N ASP B 129 8.02 22.23 11.01
CA ASP B 129 8.05 22.42 9.54
C ASP B 129 9.14 23.45 9.22
N LEU B 130 9.58 23.55 7.99
CA LEU B 130 10.69 24.47 7.65
C LEU B 130 10.29 25.94 7.89
N TYR B 131 9.04 26.26 7.72
CA TYR B 131 8.56 27.62 7.97
C TYR B 131 8.86 28.02 9.42
N LYS B 132 8.52 27.13 10.37
CA LYS B 132 8.65 27.41 11.77
C LYS B 132 10.12 27.46 12.16
N LEU B 133 10.87 26.55 11.59
CA LEU B 133 12.24 26.53 11.82
C LEU B 133 12.88 27.82 11.28
N LEU B 134 12.49 28.31 10.10
CA LEU B 134 13.16 29.53 9.58
C LEU B 134 12.69 30.79 10.34
N LYS B 135 11.59 30.72 11.08
CA LYS B 135 11.20 31.84 11.92
C LYS B 135 12.06 31.87 13.18
N SER B 136 12.61 30.72 13.56
CA SER B 136 13.22 30.66 14.87
C SER B 136 14.75 30.57 14.77
N GLN B 137 15.32 30.20 13.64
CA GLN B 137 16.78 30.21 13.60
C GLN B 137 17.34 30.42 12.19
N GLN B 138 18.53 31.02 12.18
CA GLN B 138 19.37 31.04 11.00
C GLN B 138 19.97 29.64 10.81
N LEU B 139 19.95 29.10 9.61
CA LEU B 139 20.54 27.77 9.37
C LEU B 139 22.01 27.91 8.98
N SER B 140 22.83 26.99 9.44
CA SER B 140 24.13 26.83 8.89
C SER B 140 24.04 26.31 7.46
N ASN B 141 25.15 26.50 6.75
CA ASN B 141 25.33 25.91 5.43
C ASN B 141 25.16 24.38 5.49
N ASP B 142 25.65 23.73 6.54
CA ASP B 142 25.42 22.27 6.72
C ASP B 142 23.92 21.92 6.67
N HIS B 143 23.11 22.65 7.43
CA HIS B 143 21.71 22.32 7.51
C HIS B 143 21.02 22.57 6.18
N ILE B 144 21.34 23.71 5.56
CA ILE B 144 20.77 24.09 4.24
C ILE B 144 21.09 22.98 3.20
N CYS B 145 22.33 22.58 3.13
CA CYS B 145 22.78 21.57 2.17
C CYS B 145 22.00 20.26 2.36
N TYR B 146 21.95 19.79 3.59
CA TYR B 146 21.28 18.54 3.91
C TYR B 146 19.75 18.63 3.74
N PHE B 147 19.11 19.74 4.12
CA PHE B 147 17.65 19.90 3.85
C PHE B 147 17.40 19.91 2.32
N LEU B 148 18.24 20.62 1.58
CA LEU B 148 18.02 20.71 0.16
C LEU B 148 18.17 19.33 -0.48
N TYR B 149 19.16 18.59 -0.04
CA TYR B 149 19.36 17.26 -0.58
C TYR B 149 18.09 16.41 -0.34
N GLN B 150 17.53 16.47 0.86
CA GLN B 150 16.40 15.64 1.19
C GLN B 150 15.17 16.03 0.34
N ILE B 151 14.99 17.33 0.12
CA ILE B 151 13.91 17.84 -0.68
C ILE B 151 14.05 17.30 -2.08
N LEU B 152 15.26 17.39 -2.63
CA LEU B 152 15.49 16.91 -4.00
C LEU B 152 15.39 15.39 -4.09
N ARG B 153 15.82 14.66 -3.06
CA ARG B 153 15.75 13.18 -3.07
C ARG B 153 14.27 12.74 -3.11
N GLY B 154 13.46 13.34 -2.22
CA GLY B 154 12.02 13.19 -2.24
C GLY B 154 11.39 13.55 -3.58
N LEU B 155 11.82 14.67 -4.15
CA LEU B 155 11.23 15.15 -5.36
C LEU B 155 11.65 14.23 -6.51
N LYS B 156 12.84 13.65 -6.46
CA LYS B 156 13.23 12.68 -7.50
C LYS B 156 12.18 11.54 -7.54
N TYR B 157 11.81 11.06 -6.37
CA TYR B 157 10.85 9.92 -6.24
C TYR B 157 9.48 10.36 -6.78
N ILE B 158 9.01 11.53 -6.35
CA ILE B 158 7.74 12.08 -6.80
C ILE B 158 7.75 12.22 -8.31
N HIS B 159 8.77 12.86 -8.87
CA HIS B 159 8.83 13.10 -10.34
C HIS B 159 9.00 11.78 -11.09
N SER B 160 9.62 10.78 -10.47
CA SER B 160 9.80 9.52 -11.18
C SER B 160 8.45 8.83 -11.42
N ALA B 161 7.41 9.18 -10.70
CA ALA B 161 6.06 8.63 -10.95
C ALA B 161 5.23 9.57 -11.84
N ASN B 162 5.88 10.62 -12.38
CA ASN B 162 5.25 11.68 -13.18
C ASN B 162 4.25 12.49 -12.36
N VAL B 163 4.40 12.51 -11.04
CA VAL B 163 3.59 13.36 -10.21
C VAL B 163 4.34 14.71 -9.99
N LEU B 164 3.54 15.79 -10.03
CA LEU B 164 3.93 17.11 -9.69
C LEU B 164 3.33 17.50 -8.35
N HIS B 165 4.14 18.07 -7.42
CA HIS B 165 3.58 18.45 -6.11
C HIS B 165 2.72 19.73 -6.26
N ARG B 166 3.37 20.76 -6.82
CA ARG B 166 2.75 22.01 -7.29
C ARG B 166 2.43 22.95 -6.12
N ASP B 167 2.79 22.60 -4.91
CA ASP B 167 2.64 23.58 -3.83
C ASP B 167 3.81 23.44 -2.85
N LEU B 168 5.03 23.25 -3.37
CA LEU B 168 6.22 23.20 -2.52
C LEU B 168 6.52 24.61 -1.93
N LYS B 169 6.66 24.63 -0.61
CA LYS B 169 6.98 25.79 0.19
C LYS B 169 7.37 25.34 1.62
N PRO B 170 7.92 26.25 2.44
CA PRO B 170 8.53 25.76 3.66
C PRO B 170 7.51 25.09 4.62
N SER B 171 6.27 25.56 4.61
CA SER B 171 5.30 25.00 5.57
C SER B 171 4.87 23.59 5.11
N ASN B 172 5.19 23.18 3.88
CA ASN B 172 4.87 21.82 3.36
C ASN B 172 6.11 20.93 3.44
N LEU B 173 7.04 21.26 4.31
CA LEU B 173 8.20 20.43 4.56
C LEU B 173 8.31 20.18 6.04
N LEU B 174 8.10 18.92 6.43
CA LEU B 174 8.10 18.56 7.86
C LEU B 174 9.50 18.11 8.22
N ILE B 175 9.92 18.41 9.44
CA ILE B 175 11.25 18.07 9.91
C ILE B 175 11.13 17.52 11.32
N ASN B 176 11.91 16.50 11.63
CA ASN B 176 11.82 15.89 12.96
C ASN B 176 13.14 16.21 13.66
N THR B 177 13.28 15.66 14.86
CA THR B 177 14.37 16.06 15.78
C THR B 177 15.74 15.57 15.28
N THR B 178 15.80 14.57 14.40
CA THR B 178 17.06 14.14 13.82
C THR B 178 17.29 14.77 12.43
N CYS B 179 16.64 15.90 12.12
CA CYS B 179 16.83 16.68 10.83
C CYS B 179 16.33 15.89 9.59
N ASP B 180 15.59 14.78 9.78
CA ASP B 180 14.90 14.10 8.70
C ASP B 180 13.77 14.99 8.18
N LEU B 181 13.66 15.07 6.87
CA LEU B 181 12.70 15.96 6.21
C LEU B 181 11.76 15.13 5.32
N LYS B 182 10.49 15.46 5.36
CA LYS B 182 9.45 14.80 4.60
C LYS B 182 8.56 15.84 3.95
N ILE B 183 8.32 15.67 2.66
CA ILE B 183 7.38 16.54 1.90
C ILE B 183 5.93 16.13 2.22
N CYS B 184 5.06 17.11 2.39
CA CYS B 184 3.70 16.82 2.68
C CYS B 184 2.76 17.74 1.91
N ASP B 185 1.49 17.44 2.04
CA ASP B 185 0.37 18.20 1.48
C ASP B 185 0.33 18.13 -0.05
N PHE B 186 -0.30 17.07 -0.55
CA PHE B 186 -0.30 16.75 -1.97
C PHE B 186 -1.64 17.08 -2.61
N GLY B 187 -2.41 17.93 -1.95
CA GLY B 187 -3.76 18.27 -2.41
C GLY B 187 -3.81 18.94 -3.81
N LEU B 188 -2.74 19.59 -4.25
CA LEU B 188 -2.76 20.23 -5.58
C LEU B 188 -1.93 19.41 -6.57
N ALA B 189 -1.47 18.23 -6.16
CA ALA B 189 -0.66 17.43 -7.08
C ALA B 189 -1.47 17.00 -8.31
N ARG B 190 -0.74 16.78 -9.39
CA ARG B 190 -1.31 16.29 -10.63
C ARG B 190 -0.25 15.48 -11.34
N ILE B 191 -0.62 14.87 -12.47
CA ILE B 191 0.29 14.17 -13.37
C ILE B 191 0.84 15.17 -14.36
N ALA B 192 2.13 15.04 -14.62
CA ALA B 192 2.77 15.86 -15.65
C ALA B 192 1.98 15.67 -16.93
N ASP B 193 1.63 16.76 -17.60
CA ASP B 193 0.84 16.71 -18.81
C ASP B 193 1.39 17.74 -19.78
N PRO B 194 2.54 17.44 -20.34
CA PRO B 194 3.20 18.34 -21.26
C PRO B 194 2.32 18.72 -22.46
N GLU B 195 1.49 17.79 -22.92
CA GLU B 195 0.56 18.05 -24.06
C GLU B 195 -0.31 19.31 -23.83
N HIS B 196 -0.81 19.52 -22.62
CA HIS B 196 -1.84 20.55 -22.36
C HIS B 196 -1.37 21.56 -21.29
N ASP B 197 -0.09 21.93 -21.26
CA ASP B 197 0.40 22.92 -20.25
C ASP B 197 -0.04 24.36 -20.59
N HIS B 198 -0.38 24.65 -21.85
CA HIS B 198 -0.57 26.07 -22.26
C HIS B 198 -1.90 26.62 -21.76
N THR B 199 -1.87 27.89 -21.39
CA THR B 199 -3.05 28.69 -21.03
C THR B 199 -2.75 30.18 -21.37
N GLY B 200 -3.70 31.08 -21.09
CA GLY B 200 -3.58 32.49 -21.44
C GLY B 200 -2.81 33.26 -20.38
N PHE B 201 -2.58 34.52 -20.66
CA PHE B 201 -1.93 35.45 -19.80
C PHE B 201 -2.80 35.75 -18.57
N LEU B 202 -2.16 35.79 -17.41
CA LEU B 202 -2.82 36.10 -16.13
C LEU B 202 -3.98 35.14 -15.86
N THR B 203 -3.78 33.84 -16.10
CA THR B 203 -4.77 32.82 -15.74
C THR B 203 -4.70 32.57 -14.23
N GLU B 204 -5.87 32.46 -13.61
CA GLU B 204 -5.95 32.24 -12.16
C GLU B 204 -5.28 30.92 -11.81
N TYR B 205 -4.74 30.87 -10.61
CA TYR B 205 -3.95 29.77 -10.18
C TYR B 205 -4.17 29.59 -8.68
N VAL B 206 -4.02 28.35 -8.23
CA VAL B 206 -4.46 27.97 -6.92
C VAL B 206 -3.27 27.99 -5.93
N ALA B 207 -2.08 27.55 -6.35
CA ALA B 207 -0.92 27.38 -5.45
C ALA B 207 -0.45 28.71 -4.84
N THR B 208 0.29 28.59 -3.75
CA THR B 208 0.74 29.73 -2.95
C THR B 208 1.52 30.72 -3.85
N ARG B 209 1.10 31.97 -3.81
CA ARG B 209 1.58 33.01 -4.70
C ARG B 209 3.12 33.10 -4.76
N TRP B 210 3.75 33.18 -3.59
CA TRP B 210 5.19 33.51 -3.51
C TRP B 210 6.09 32.47 -4.18
N TYR B 211 5.61 31.26 -4.39
CA TYR B 211 6.42 30.13 -4.90
C TYR B 211 6.02 29.77 -6.33
N ARG B 212 5.22 30.63 -6.97
CA ARG B 212 4.76 30.39 -8.37
C ARG B 212 5.83 30.83 -9.36
N ALA B 213 6.14 29.93 -10.29
CA ALA B 213 7.09 30.22 -11.33
C ALA B 213 6.52 31.29 -12.26
N PRO B 214 7.38 32.03 -12.96
CA PRO B 214 6.98 33.18 -13.79
C PRO B 214 6.00 32.77 -14.88
N GLU B 215 6.23 31.60 -15.49
CA GLU B 215 5.36 31.12 -16.59
C GLU B 215 3.91 30.90 -16.08
N ILE B 216 3.68 30.64 -14.77
CA ILE B 216 2.27 30.49 -14.29
C ILE B 216 1.46 31.73 -14.70
N MET B 217 2.11 32.88 -14.76
CA MET B 217 1.42 34.12 -14.94
C MET B 217 1.39 34.50 -16.44
N LEU B 218 2.12 33.75 -17.28
CA LEU B 218 2.35 34.11 -18.66
C LEU B 218 1.63 33.14 -19.62
N ASN B 219 1.76 31.81 -19.43
CA ASN B 219 1.34 30.83 -20.49
C ASN B 219 1.27 29.39 -19.98
N SER B 220 1.27 29.13 -18.67
CA SER B 220 1.42 27.77 -18.16
C SER B 220 0.41 27.49 -17.06
N LYS B 221 -0.11 26.25 -17.08
CA LYS B 221 -1.02 25.75 -16.06
C LYS B 221 -0.24 25.04 -14.94
N GLY B 222 1.07 24.90 -15.11
CA GLY B 222 1.87 24.27 -14.10
C GLY B 222 1.76 22.77 -14.17
N TYR B 223 1.82 22.21 -15.38
CA TYR B 223 1.63 20.80 -15.62
C TYR B 223 2.95 20.17 -16.06
N THR B 224 4.10 20.78 -15.75
CA THR B 224 5.42 20.15 -16.00
C THR B 224 6.31 20.31 -14.78
N LYS B 225 7.33 19.47 -14.75
CA LYS B 225 8.12 19.24 -13.58
C LYS B 225 8.95 20.49 -13.21
N SER B 226 9.18 21.34 -14.20
CA SER B 226 9.88 22.55 -13.99
C SER B 226 9.15 23.44 -12.98
N ILE B 227 7.84 23.30 -12.77
CA ILE B 227 7.28 24.27 -11.80
C ILE B 227 7.69 23.91 -10.38
N ASP B 228 8.01 22.63 -10.11
CA ASP B 228 8.42 22.24 -8.77
C ASP B 228 9.87 22.67 -8.52
N ILE B 229 10.69 22.66 -9.56
CA ILE B 229 12.06 23.07 -9.43
C ILE B 229 12.10 24.56 -9.05
N TRP B 230 11.27 25.37 -9.67
CA TRP B 230 11.24 26.77 -9.35
C TRP B 230 10.94 26.93 -7.85
N SER B 231 9.87 26.30 -7.40
CA SER B 231 9.47 26.39 -5.99
C SER B 231 10.64 25.99 -5.08
N VAL B 232 11.40 24.96 -5.45
CA VAL B 232 12.56 24.50 -4.67
C VAL B 232 13.61 25.61 -4.65
N GLY B 233 13.81 26.28 -5.79
CA GLY B 233 14.68 27.46 -5.85
C GLY B 233 14.27 28.47 -4.82
N CYS B 234 12.95 28.76 -4.76
CA CYS B 234 12.46 29.79 -3.82
C CYS B 234 12.72 29.36 -2.36
N ILE B 235 12.61 28.05 -2.10
CA ILE B 235 12.82 27.52 -0.79
C ILE B 235 14.30 27.64 -0.43
N LEU B 236 15.20 27.32 -1.36
CA LEU B 236 16.61 27.47 -1.10
C LEU B 236 16.96 28.93 -0.75
N ALA B 237 16.45 29.88 -1.53
CA ALA B 237 16.65 31.27 -1.25
C ALA B 237 16.21 31.58 0.19
N GLU B 238 15.06 31.07 0.54
CA GLU B 238 14.48 31.34 1.84
C GLU B 238 15.36 30.76 2.96
N MET B 239 15.92 29.56 2.73
CA MET B 239 16.82 28.96 3.70
C MET B 239 18.09 29.82 3.84
N LEU B 240 18.52 30.52 2.79
CA LEU B 240 19.82 31.28 2.84
C LEU B 240 19.64 32.61 3.61
N SER B 241 18.40 33.15 3.68
CA SER B 241 18.20 34.50 4.11
C SER B 241 17.06 34.62 5.13
N ASN B 242 16.32 33.56 5.39
CA ASN B 242 15.21 33.58 6.34
C ASN B 242 14.10 34.53 5.89
N ARG B 243 13.95 34.73 4.59
CA ARG B 243 12.84 35.53 4.09
C ARG B 243 12.47 35.09 2.66
N PRO B 244 11.24 35.27 2.28
CA PRO B 244 10.84 34.87 0.98
C PRO B 244 11.57 35.71 -0.07
N ILE B 245 12.01 35.09 -1.15
CA ILE B 245 12.72 35.85 -2.17
C ILE B 245 11.75 36.71 -3.00
N PHE B 246 10.54 36.20 -3.30
CA PHE B 246 9.62 36.92 -4.18
C PHE B 246 8.26 37.09 -3.52
N PRO B 247 8.14 38.03 -2.57
CA PRO B 247 6.90 38.08 -1.82
C PRO B 247 5.86 39.00 -2.47
N GLY B 248 5.34 38.62 -3.61
CA GLY B 248 4.38 39.49 -4.30
C GLY B 248 3.11 39.72 -3.48
N LYS B 249 2.60 40.93 -3.59
CA LYS B 249 1.44 41.42 -2.79
C LYS B 249 0.13 41.10 -3.50
N HIS B 250 0.20 40.75 -4.79
CA HIS B 250 -0.97 40.34 -5.53
C HIS B 250 -0.52 39.67 -6.81
N TYR B 251 -1.48 39.14 -7.55
CA TYR B 251 -1.21 38.20 -8.62
C TYR B 251 -0.10 38.72 -9.53
N LEU B 252 -0.30 39.89 -10.13
CA LEU B 252 0.68 40.42 -11.13
C LEU B 252 1.98 40.91 -10.46
N ASP B 253 1.86 41.42 -9.23
CA ASP B 253 3.02 41.86 -8.45
C ASP B 253 4.02 40.70 -8.32
N GLN B 254 3.52 39.45 -8.26
CA GLN B 254 4.40 38.28 -8.14
C GLN B 254 5.34 38.24 -9.34
N LEU B 255 4.79 38.39 -10.54
CA LEU B 255 5.59 38.40 -11.76
C LEU B 255 6.61 39.56 -11.71
N ASN B 256 6.13 40.73 -11.27
CA ASN B 256 6.97 41.90 -11.27
C ASN B 256 8.11 41.71 -10.26
N HIS B 257 7.85 41.13 -9.09
CA HIS B 257 8.97 40.77 -8.14
C HIS B 257 9.99 39.87 -8.84
N ILE B 258 9.51 38.89 -9.61
CA ILE B 258 10.43 37.96 -10.23
C ILE B 258 11.30 38.72 -11.25
N LEU B 259 10.69 39.53 -12.08
CA LEU B 259 11.43 40.22 -13.18
C LEU B 259 12.37 41.28 -12.59
N GLY B 260 12.02 41.84 -11.42
CA GLY B 260 12.86 42.80 -10.72
C GLY B 260 14.21 42.21 -10.32
N ILE B 261 14.27 40.90 -10.11
CA ILE B 261 15.48 40.27 -9.66
C ILE B 261 16.19 39.56 -10.83
N LEU B 262 15.43 38.87 -11.66
CA LEU B 262 16.01 38.13 -12.77
C LEU B 262 16.36 39.05 -13.95
N GLY B 263 15.73 40.21 -14.04
CA GLY B 263 15.91 41.09 -15.18
C GLY B 263 15.04 40.70 -16.37
N SER B 264 15.18 41.48 -17.45
CA SER B 264 14.50 41.31 -18.72
C SER B 264 14.76 39.93 -19.33
N PRO B 265 13.72 39.21 -19.69
CA PRO B 265 13.96 38.03 -20.49
C PRO B 265 14.73 38.37 -21.78
N SER B 266 15.67 37.52 -22.17
CA SER B 266 16.32 37.60 -23.48
C SER B 266 15.31 37.42 -24.61
N GLN B 267 15.72 37.84 -25.80
CA GLN B 267 14.95 37.62 -27.02
C GLN B 267 14.71 36.11 -27.24
N GLU B 268 15.70 35.25 -27.04
CA GLU B 268 15.50 33.81 -27.19
C GLU B 268 14.37 33.35 -26.23
N ASP B 269 14.38 33.82 -24.95
CA ASP B 269 13.33 33.47 -24.00
C ASP B 269 11.95 34.06 -24.41
N LEU B 270 11.91 35.23 -25.05
CA LEU B 270 10.66 35.81 -25.46
C LEU B 270 10.05 35.00 -26.62
N ASN B 271 10.92 34.41 -27.45
CA ASN B 271 10.53 33.67 -28.64
C ASN B 271 9.91 32.33 -28.28
N CYS B 272 10.03 31.90 -27.03
CA CYS B 272 9.28 30.75 -26.50
C CYS B 272 7.86 31.17 -26.02
N ILE B 273 7.54 32.44 -26.04
CA ILE B 273 6.24 32.89 -25.51
C ILE B 273 5.41 33.49 -26.64
N ILE B 274 4.31 32.87 -27.06
CA ILE B 274 3.67 33.45 -28.25
C ILE B 274 2.28 34.03 -27.89
N ASN B 275 1.80 33.83 -26.66
CA ASN B 275 0.62 34.58 -26.17
C ASN B 275 0.82 36.07 -26.39
N MET B 276 -0.03 36.70 -27.19
CA MET B 276 0.20 38.06 -27.59
C MET B 276 0.18 39.01 -26.37
N LYS B 277 -0.70 38.79 -25.43
CA LYS B 277 -0.83 39.71 -24.31
C LYS B 277 0.36 39.59 -23.35
N ALA B 278 0.79 38.36 -23.09
CA ALA B 278 1.98 38.15 -22.32
C ALA B 278 3.17 38.83 -23.01
N ARG B 279 3.41 38.60 -24.31
CA ARG B 279 4.58 39.22 -24.96
C ARG B 279 4.52 40.75 -24.88
N ASN B 280 3.36 41.33 -25.19
CA ASN B 280 3.26 42.78 -25.22
C ASN B 280 3.45 43.34 -23.81
N TYR B 281 2.95 42.63 -22.78
CA TYR B 281 3.21 43.09 -21.41
C TYR B 281 4.74 43.08 -21.17
N LEU B 282 5.41 42.00 -21.54
CA LEU B 282 6.82 41.85 -21.20
C LEU B 282 7.62 42.92 -21.93
N GLN B 283 7.25 43.15 -23.18
CA GLN B 283 7.99 44.05 -24.05
C GLN B 283 7.69 45.51 -23.67
N SER B 284 6.66 45.80 -22.92
CA SER B 284 6.43 47.18 -22.50
C SER B 284 7.36 47.56 -21.34
N LEU B 285 8.01 46.60 -20.68
CA LEU B 285 8.69 46.87 -19.41
C LEU B 285 10.07 47.50 -19.67
N PRO B 286 10.45 48.45 -18.85
CA PRO B 286 11.85 48.93 -19.04
C PRO B 286 12.91 47.81 -18.87
N SER B 287 13.94 47.94 -19.65
CA SER B 287 15.05 47.01 -19.63
C SER B 287 15.66 46.93 -18.21
N LYS B 288 15.99 45.74 -17.76
CA LYS B 288 16.59 45.61 -16.43
C LYS B 288 17.52 44.39 -16.46
N THR B 289 18.66 44.44 -15.74
CA THR B 289 19.61 43.32 -15.74
C THR B 289 19.46 42.53 -14.44
N LYS B 290 20.03 41.33 -14.46
CA LYS B 290 19.90 40.36 -13.40
C LYS B 290 20.76 40.78 -12.19
N VAL B 291 20.21 40.58 -11.00
CA VAL B 291 20.95 40.76 -9.73
C VAL B 291 22.22 39.88 -9.74
N ALA B 292 23.27 40.36 -9.09
CA ALA B 292 24.35 39.46 -8.67
C ALA B 292 23.90 38.74 -7.38
N TRP B 293 23.77 37.45 -7.48
CA TRP B 293 23.28 36.66 -6.38
C TRP B 293 24.13 36.88 -5.13
N ALA B 294 25.44 37.02 -5.28
CA ALA B 294 26.34 37.18 -4.12
C ALA B 294 26.04 38.50 -3.40
N LYS B 295 25.47 39.46 -4.06
CA LYS B 295 25.09 40.67 -3.40
C LYS B 295 23.76 40.47 -2.68
N LEU B 296 22.82 39.66 -3.21
CA LEU B 296 21.60 39.44 -2.48
C LEU B 296 21.83 38.50 -1.30
N PHE B 297 22.78 37.59 -1.44
CA PHE B 297 23.10 36.53 -0.47
C PHE B 297 24.60 36.61 -0.12
N PRO B 298 24.96 37.64 0.63
CA PRO B 298 26.39 37.98 0.72
C PRO B 298 27.24 36.96 1.51
N LYS B 299 26.66 36.12 2.35
CA LYS B 299 27.56 35.19 3.00
C LYS B 299 27.12 33.76 2.73
N SER B 300 26.67 33.51 1.52
CA SER B 300 26.28 32.18 1.10
C SER B 300 27.44 31.46 0.38
N ASP B 301 27.52 30.15 0.53
CA ASP B 301 28.33 29.27 -0.33
C ASP B 301 28.05 29.61 -1.81
N SER B 302 29.10 29.76 -2.57
CA SER B 302 28.96 30.17 -3.96
C SER B 302 28.46 28.99 -4.81
N LYS B 303 28.70 27.76 -4.41
CA LYS B 303 28.12 26.65 -5.16
C LYS B 303 26.60 26.61 -4.93
N ALA B 304 26.13 26.98 -3.78
CA ALA B 304 24.69 27.03 -3.53
C ALA B 304 24.06 28.15 -4.36
N LEU B 305 24.75 29.27 -4.50
CA LEU B 305 24.24 30.35 -5.37
C LEU B 305 24.24 29.91 -6.85
N ASP B 306 25.23 29.13 -7.30
CA ASP B 306 25.21 28.58 -8.66
C ASP B 306 23.97 27.67 -8.84
N LEU B 307 23.70 26.79 -7.89
CA LEU B 307 22.52 25.92 -8.01
C LEU B 307 21.25 26.78 -7.97
N LEU B 308 21.19 27.75 -7.06
CA LEU B 308 20.05 28.67 -6.99
C LEU B 308 19.80 29.30 -8.37
N ASP B 309 20.87 29.77 -9.01
CA ASP B 309 20.77 30.41 -10.32
C ASP B 309 20.11 29.46 -11.33
N ARG B 310 20.44 28.17 -11.28
CA ARG B 310 19.95 27.19 -12.28
C ARG B 310 18.50 26.80 -12.00
N MET B 311 18.07 26.91 -10.73
CA MET B 311 16.73 26.54 -10.32
C MET B 311 15.77 27.69 -10.63
N LEU B 312 16.27 28.91 -10.52
CA LEU B 312 15.46 30.07 -10.76
C LEU B 312 15.73 30.66 -12.14
N THR B 313 15.77 29.81 -13.17
CA THR B 313 15.92 30.32 -14.50
C THR B 313 14.53 30.69 -15.02
N PHE B 314 14.48 31.82 -15.69
CA PHE B 314 13.23 32.35 -16.19
C PHE B 314 12.59 31.34 -17.14
N ASN B 315 13.36 30.80 -18.07
CA ASN B 315 12.81 29.94 -19.12
C ASN B 315 12.67 28.52 -18.58
N PRO B 316 11.43 27.99 -18.53
CA PRO B 316 11.25 26.68 -17.88
C PRO B 316 11.95 25.59 -18.67
N ASN B 317 12.20 25.81 -19.95
CA ASN B 317 12.80 24.78 -20.74
C ASN B 317 14.28 24.64 -20.42
N LYS B 318 14.91 25.67 -19.83
CA LYS B 318 16.36 25.67 -19.56
C LYS B 318 16.61 25.46 -18.07
N ARG B 319 15.54 25.37 -17.27
CA ARG B 319 15.64 25.19 -15.83
C ARG B 319 16.19 23.79 -15.54
N ILE B 320 17.08 23.69 -14.57
CA ILE B 320 17.68 22.39 -14.14
C ILE B 320 16.55 21.41 -13.75
N THR B 321 16.77 20.11 -14.02
CA THR B 321 15.89 19.02 -13.63
C THR B 321 16.29 18.49 -12.24
N VAL B 322 15.46 17.64 -11.60
CA VAL B 322 15.75 17.21 -10.25
C VAL B 322 17.02 16.34 -10.26
N GLU B 323 17.25 15.56 -11.31
CA GLU B 323 18.38 14.69 -11.34
C GLU B 323 19.63 15.53 -11.49
N GLU B 324 19.58 16.55 -12.35
CA GLU B 324 20.75 17.44 -12.58
C GLU B 324 21.04 18.23 -11.30
N ALA B 325 20.00 18.67 -10.57
CA ALA B 325 20.21 19.39 -9.33
C ALA B 325 20.91 18.48 -8.28
N LEU B 326 20.48 17.22 -8.15
CA LEU B 326 21.13 16.29 -7.22
C LEU B 326 22.60 16.09 -7.59
N ALA B 327 22.90 16.08 -8.89
CA ALA B 327 24.29 15.86 -9.34
C ALA B 327 25.12 17.15 -9.20
N HIS B 328 24.54 18.26 -8.80
CA HIS B 328 25.27 19.56 -8.75
C HIS B 328 26.38 19.52 -7.69
N PRO B 329 27.51 20.19 -7.92
CA PRO B 329 28.60 20.21 -6.90
C PRO B 329 28.17 20.62 -5.47
N TYR B 330 27.13 21.42 -5.29
CA TYR B 330 26.73 21.82 -3.94
C TYR B 330 26.35 20.58 -3.09
N LEU B 331 25.78 19.54 -3.73
CA LEU B 331 25.22 18.39 -3.01
C LEU B 331 26.13 17.16 -3.10
N GLU B 332 27.35 17.36 -3.46
CA GLU B 332 28.33 16.34 -3.78
C GLU B 332 28.58 15.43 -2.59
N GLN B 333 28.44 15.89 -1.37
CA GLN B 333 28.81 15.04 -0.29
C GLN B 333 27.70 14.02 -0.06
N TYR B 334 26.49 14.28 -0.57
CA TYR B 334 25.36 13.37 -0.34
C TYR B 334 25.02 12.58 -1.62
N TYR B 335 25.36 13.10 -2.80
CA TYR B 335 24.77 12.55 -4.06
C TYR B 335 25.09 11.06 -4.18
N ASP B 336 24.09 10.22 -4.39
CA ASP B 336 24.33 8.76 -4.40
C ASP B 336 23.18 8.08 -5.12
N PRO B 337 23.30 7.95 -6.44
CA PRO B 337 22.22 7.42 -7.25
C PRO B 337 21.81 6.00 -6.82
N THR B 338 22.67 5.26 -6.15
CA THR B 338 22.27 3.91 -5.68
C THR B 338 21.42 4.01 -4.41
N ASP B 339 21.27 5.20 -3.83
CA ASP B 339 20.51 5.37 -2.58
C ASP B 339 19.41 6.43 -2.79
N GLU B 340 18.95 6.54 -4.02
CA GLU B 340 17.92 7.53 -4.36
C GLU B 340 16.79 6.85 -5.15
N PRO B 341 15.90 6.19 -4.44
CA PRO B 341 14.93 5.34 -5.08
C PRO B 341 13.94 6.14 -5.95
N VAL B 342 13.44 5.44 -6.96
CA VAL B 342 12.39 5.92 -7.85
C VAL B 342 11.17 5.02 -7.67
N ALA B 343 10.03 5.50 -8.15
CA ALA B 343 8.76 4.79 -8.00
C ALA B 343 8.74 3.61 -8.98
N GLU B 344 7.95 2.59 -8.61
CA GLU B 344 7.76 1.38 -9.46
C GLU B 344 7.34 1.81 -10.87
N GLU B 345 6.38 2.72 -10.90
CA GLU B 345 5.56 2.93 -12.07
C GLU B 345 4.89 4.29 -12.04
N PRO B 346 4.80 4.93 -13.20
CA PRO B 346 4.12 6.23 -13.20
C PRO B 346 2.64 6.06 -12.88
N PHE B 347 2.00 7.16 -12.52
CA PHE B 347 0.61 7.20 -12.21
C PHE B 347 -0.15 7.91 -13.34
N THR B 348 -1.46 7.72 -13.36
CA THR B 348 -2.30 8.43 -14.31
C THR B 348 -3.58 8.91 -13.59
N PHE B 349 -3.93 10.14 -13.85
CA PHE B 349 -5.23 10.72 -13.48
C PHE B 349 -5.86 11.28 -14.75
N ALA B 350 -7.03 10.73 -15.13
CA ALA B 350 -7.81 11.22 -16.30
C ALA B 350 -8.24 12.67 -16.07
N MET B 351 -8.19 13.48 -17.11
CA MET B 351 -8.66 14.86 -16.98
C MET B 351 -10.14 14.84 -16.56
N GLU B 352 -10.87 13.78 -16.95
CA GLU B 352 -12.31 13.63 -16.64
C GLU B 352 -12.56 13.59 -15.13
N LEU B 353 -11.58 13.17 -14.31
CA LEU B 353 -11.65 13.33 -12.84
C LEU B 353 -12.05 14.75 -12.45
N ASP B 354 -11.52 15.76 -13.15
CA ASP B 354 -11.68 17.16 -12.74
C ASP B 354 -13.12 17.61 -13.01
N ASP B 355 -13.81 16.89 -13.88
CA ASP B 355 -15.20 17.20 -14.24
C ASP B 355 -16.19 16.31 -13.47
N LEU B 356 -15.73 15.44 -12.57
CA LEU B 356 -16.69 14.58 -11.88
C LEU B 356 -17.44 15.41 -10.85
N PRO B 357 -18.75 15.21 -10.76
CA PRO B 357 -19.52 15.80 -9.70
C PRO B 357 -19.01 15.30 -8.33
N LYS B 358 -19.23 16.12 -7.31
CA LYS B 358 -18.64 15.86 -6.03
C LYS B 358 -19.18 14.56 -5.41
N GLU B 359 -20.43 14.19 -5.71
CA GLU B 359 -21.04 12.92 -5.22
C GLU B 359 -20.21 11.73 -5.72
N ARG B 360 -19.72 11.78 -6.95
CA ARG B 360 -18.92 10.71 -7.47
C ARG B 360 -17.52 10.72 -6.84
N LEU B 361 -16.96 11.92 -6.63
CA LEU B 361 -15.67 12.00 -5.98
C LEU B 361 -15.81 11.46 -4.55
N LYS B 362 -16.94 11.74 -3.92
CA LYS B 362 -17.16 11.25 -2.60
C LYS B 362 -17.18 9.70 -2.60
N GLU B 363 -17.76 9.06 -3.62
CA GLU B 363 -17.83 7.58 -3.62
C GLU B 363 -16.43 7.00 -3.81
N LEU B 364 -15.57 7.66 -4.62
CA LEU B 364 -14.16 7.21 -4.80
C LEU B 364 -13.36 7.37 -3.49
N ILE B 365 -13.59 8.43 -2.74
CA ILE B 365 -12.92 8.61 -1.47
C ILE B 365 -13.38 7.52 -0.49
N PHE B 366 -14.69 7.19 -0.54
CA PHE B 366 -15.23 6.09 0.26
C PHE B 366 -14.50 4.77 -0.10
N GLN B 367 -14.28 4.53 -1.38
CA GLN B 367 -13.61 3.31 -1.86
C GLN B 367 -12.15 3.29 -1.43
N GLU B 368 -11.43 4.39 -1.64
CA GLU B 368 -9.99 4.41 -1.37
C GLU B 368 -9.71 4.25 0.14
N THR B 369 -10.68 4.63 0.98
CA THR B 369 -10.50 4.61 2.44
C THR B 369 -11.04 3.30 3.07
N ALA B 370 -11.66 2.45 2.24
CA ALA B 370 -12.30 1.23 2.72
C ALA B 370 -11.28 0.30 3.36
N ARG B 371 -10.03 0.27 2.88
CA ARG B 371 -9.10 -0.78 3.34
C ARG B 371 -8.73 -0.56 4.82
N PHE B 372 -9.03 0.61 5.37
CA PHE B 372 -8.72 0.92 6.77
C PHE B 372 -9.96 0.73 7.65
N GLN B 373 -11.09 0.32 7.09
CA GLN B 373 -12.27 0.00 7.88
C GLN B 373 -12.10 -1.41 8.47
N PRO B 374 -12.81 -1.71 9.55
CA PRO B 374 -13.61 -0.79 10.30
C PRO B 374 -12.67 -0.15 11.32
N GLY B 375 -13.23 0.63 12.25
CA GLY B 375 -12.48 1.00 13.47
C GLY B 375 -13.34 0.94 14.71
C18 6H3 C . -1.45 -33.07 6.98
C13 6H3 C . -3.82 -36.48 4.11
C12 6H3 C . -3.70 -35.54 3.08
C17 6H3 C . -2.34 -33.78 7.76
C15 6H3 C . -2.92 -35.08 5.99
C11 6H3 C . -3.69 -35.95 1.76
C10 6H3 C . -4.00 -37.82 3.78
C22 6H3 C . -0.27 -33.06 3.42
C20 6H3 C . -1.33 -33.46 5.64
C01 6H3 C . -1.68 -35.20 -1.60
N02 6H3 C . -2.70 -36.13 -2.12
C03 6H3 C . -2.30 -37.52 -1.89
C04 6H3 C . -2.34 -37.87 -0.42
C05 6H3 C . -4.01 -35.88 -1.50
C06 6H3 C . -4.60 -37.16 -0.91
N07 6H3 C . -3.70 -37.73 0.11
C08 6H3 C . -3.83 -37.31 1.43
C09 6H3 C . -4.02 -38.22 2.46
N14 6H3 C . -3.74 -36.03 5.45
N16 6H3 C . -3.08 -34.80 7.29
CL19 6H3 C . -0.60 -31.69 7.63
N21 6H3 C . -0.55 -32.77 4.76
C23 6H3 C . 0.10 -34.34 3.03
C24 6H3 C . 0.55 -34.57 1.74
C25 6H3 C . 0.63 -33.53 0.84
C26 6H3 C . 0.25 -32.25 1.21
C27 6H3 C . -0.22 -32.01 2.48
N28 6H3 C . -0.64 -30.72 2.85
C29 6H3 C . -0.09 -29.94 3.80
C30 6H3 C . -0.90 -28.70 4.06
C31 6H3 C . -1.85 -28.99 5.08
O32 6H3 C . 0.84 -30.27 4.50
N33 6H3 C . -2.06 -34.48 5.15
N1 EWH D . -9.60 -7.53 -31.28
C2 EWH D . -8.88 -6.94 -32.42
N3 EWH D . -8.52 -9.74 -25.48
C4 EWH D . -7.88 -7.22 -29.54
N4 EWH D . -10.34 -9.58 -24.12
C5 EWH D . -7.19 -7.67 -28.43
C6 EWH D . -7.44 -8.94 -27.91
CL EWH D . -8.87 -10.71 -21.61
C18 EWH D . -8.25 -10.48 -23.23
C8 EWH D . -9.07 -10.01 -24.28
C9 EWH D . -11.44 -9.80 -24.97
C14 EWH D . -12.62 -9.06 -24.75
N5 EWH D . -12.94 -8.51 -23.48
C15 EWH D . -12.51 -8.84 -22.24
O EWH D . -12.38 -10.03 -21.87
C16 EWH D . -12.30 -7.70 -21.33
C17 EWH D . -12.98 -7.55 -20.26
C13 EWH D . -13.62 -9.07 -25.72
C12 EWH D . -13.49 -9.87 -26.85
C11 EWH D . -12.37 -10.65 -27.02
C10 EWH D . -11.35 -10.62 -26.09
C19 EWH D . -6.89 -10.53 -23.46
N6 EWH D . -6.34 -10.20 -24.64
C7 EWH D . -7.20 -9.82 -25.59
N2 EWH D . -6.72 -9.41 -26.80
C20 EWH D . -8.40 -9.74 -28.53
C21 EWH D . -9.09 -9.30 -29.63
C3 EWH D . -8.85 -8.01 -30.16
C1 EWH D . -9.86 -6.42 -33.47
C22 EWH D . -10.80 -8.25 -31.71
C23 EWH D . -11.81 -7.31 -32.39
N EWH D . -11.15 -6.09 -32.85
C EWH D . -12.02 -5.36 -33.81
S SO4 E . 3.63 -17.30 -12.39
O1 SO4 E . 2.21 -17.06 -12.79
O2 SO4 E . 4.58 -16.46 -13.16
O3 SO4 E . 3.76 -16.93 -10.97
O4 SO4 E . 3.96 -18.71 -12.61
C1 EDO F . -23.75 -32.49 4.33
O1 EDO F . -22.61 -32.76 5.13
C2 EDO F . -24.77 -31.81 5.20
O2 EDO F . -24.08 -31.34 6.37
C1 EDO G . 6.29 -12.25 -13.68
O1 EDO G . 6.68 -13.60 -14.01
C2 EDO G . 5.76 -11.60 -14.94
O2 EDO G . 5.58 -10.21 -14.68
C18 6H3 H . 1.55 16.51 9.61
C13 6H3 H . 3.96 19.07 13.38
C12 6H3 H . 3.70 20.30 12.77
C17 6H3 H . 2.37 15.64 10.33
C15 6H3 H . 3.02 17.33 11.73
C11 6H3 H . 3.77 21.48 13.50
C10 6H3 H . 4.35 19.06 14.71
C22 6H3 H . 0.58 20.16 9.80
C20 6H3 H . 1.52 17.85 10.05
C01 6H3 H . 3.34 25.55 18.58
N02 6H3 H . 3.43 24.66 17.42
C03 6H3 H . 4.82 24.48 16.99
C04 6H3 H . 5.06 23.06 16.46
C05 6H3 H . 2.84 23.36 17.72
C06 6H3 H . 2.70 22.54 16.48
N07 6H3 H . 3.92 22.59 15.66
C08 6H3 H . 4.12 21.45 14.86
C09 6H3 H . 4.46 20.24 15.43
N14 6H3 H . 3.81 17.81 12.73
N16 6H3 H . 3.11 16.03 11.40
CL19 6H3 H . 0.76 15.96 8.11
N21 6H3 H . 0.74 18.79 9.49
C23 6H3 H . 0.27 20.58 11.08
C24 6H3 H . -0.12 21.89 11.32
C25 6H3 H . -0.18 22.78 10.27
C26 6H3 H . 0.16 22.39 8.99
C27 6H3 H . 0.55 21.09 8.75
N28 6H3 H . 0.86 20.65 7.46
C29 6H3 H . 0.30 19.58 6.84
C30 6H3 H . 0.93 19.25 5.52
C31 6H3 H . 2.02 18.35 5.72
O32 6H3 H . -0.55 18.86 7.35
N33 6H3 H . 2.26 18.24 11.12
S SO4 I . -3.70 35.52 -6.07
O1 SO4 I . -4.53 36.47 -6.85
O2 SO4 I . -2.26 35.82 -6.37
O3 SO4 I . -3.91 35.72 -4.64
O4 SO4 I . -3.96 34.14 -6.49
C1 EDO J . -16.20 8.51 11.92
O1 EDO J . -15.62 9.78 12.25
C2 EDO J . -15.54 7.44 12.76
O2 EDO J . -14.33 7.94 13.35
C1 EDO K . -17.87 24.25 -5.66
O1 EDO K . -16.43 24.04 -5.79
C2 EDO K . -18.61 23.33 -6.63
O2 EDO K . -19.39 22.35 -5.94
C1 EDO L . 12.39 43.55 -16.64
O1 EDO L . 11.57 43.57 -17.83
C2 EDO L . 11.87 44.46 -15.53
O2 EDO L . 11.39 45.73 -16.04
#